data_7KVY
#
_entry.id   7KVY
#
_cell.length_a   106.940
_cell.length_b   106.940
_cell.length_c   115.960
_cell.angle_alpha   90.00
_cell.angle_beta   90.00
_cell.angle_gamma   120.00
#
_symmetry.space_group_name_H-M   'P 63'
#
loop_
_entity.id
_entity.type
_entity.pdbx_description
1 polymer 'Acetyl-coenzyme A synthetase'
2 non-polymer 'COENZYME A'
3 non-polymer "5'-O-[(S)-ethoxy(hydroxy)phosphoryl]adenosine"
4 non-polymer 1,2-ETHANEDIOL
5 water water
#
_entity_poly.entity_id   1
_entity_poly.type   'polypeptide(L)'
_entity_poly.pdbx_seq_one_letter_code
;MHHHHHHHHENLYFQGSETPAEPKLPVVVEAHQVDTFDVPGVFYENHPHEPHLSGMNEYNQLYQQSINDPDTFWARMARD
LITFEKDFDKTHIGTLEGGDNAWFVGGRLNASFNCVDRHAMRDPNKVAIIYEADEPGHGRSITYAELLKEVSRLAWVMKS
QGVRKGDTVAIYLPMIPEAIFALLACARIGAIHSVVFAGFSSDSLRDRTLDARSKFIITTDEGKRGGKVIGTKKIVDEAL
KQCPDVTNCLVFKRTGADVPWTKGRDLWWHEEVDKYPNYLPAESMDSEDPLFLLYTSGSTGKPKGVMHTTAGYLVGAAAT
GKYVFDIHPADRFFCGGDVGWITGHTYVVYAPLLLGCTTVVFESTPAYPNFSRYWDVIEKHKVTQFYVAPTALRLLKRAG
DHHINHEMKDLRILGSVGEPIAAEVWKWYHEVVGKRQAHIVDTYWQTETGSHVITPLGGITPTKPGSASLPFFGIDPVIL
DPVTGAEIPGNDVEGILAFRKPWPSMARTVWGDHKRYMDTYLNVYKGFYFTGDGAGRDHEGYYWIRGRVDDVVNVSGHRL
STAEIEAALIEHHCVAEAAVVGVPDPLTGQAVHAFVALKSGNDNREQLQKELIMQVRKSIGPFAAPKVVFVIDDLPKTRS
GKIMRRILRKILSGEEDSLGDISTLSDPSVVNKIIDTFHEWKKAMAAAAAAAAAVSATAPPNSTTG
;
_entity_poly.pdbx_strand_id   A
#
loop_
_chem_comp.id
_chem_comp.type
_chem_comp.name
_chem_comp.formula
COA non-polymer 'COENZYME A' 'C21 H36 N7 O16 P3 S'
EDO non-polymer 1,2-ETHANEDIOL 'C2 H6 O2'
WTA non-polymer 5'-O-[(S)-ethoxy(hydroxy)phosphoryl]adenosine 'C12 H18 N5 O7 P'
#
# COMPACT_ATOMS: atom_id res chain seq x y z
N PRO A 26 -20.14 25.90 -11.48
CA PRO A 26 -19.78 24.65 -10.78
C PRO A 26 -18.35 24.64 -10.26
N VAL A 27 -18.16 24.90 -8.96
CA VAL A 27 -16.82 25.05 -8.40
C VAL A 27 -16.02 23.75 -8.54
N VAL A 28 -16.64 22.61 -8.24
CA VAL A 28 -16.03 21.31 -8.50
C VAL A 28 -16.33 20.96 -9.96
N VAL A 29 -15.39 21.29 -10.86
CA VAL A 29 -15.66 21.20 -12.29
C VAL A 29 -15.84 19.75 -12.75
N GLU A 30 -15.20 18.79 -12.08
CA GLU A 30 -15.26 17.40 -12.51
C GLU A 30 -16.66 16.83 -12.40
N ALA A 31 -17.43 17.25 -11.40
CA ALA A 31 -18.73 16.64 -11.10
C ALA A 31 -19.86 17.16 -11.98
N HIS A 32 -19.60 18.09 -12.89
CA HIS A 32 -20.67 18.72 -13.66
C HIS A 32 -21.33 17.70 -14.59
N GLN A 33 -22.65 17.52 -14.42
CA GLN A 33 -23.44 16.58 -15.21
C GLN A 33 -22.88 15.16 -15.14
N VAL A 34 -22.30 14.80 -14.00
CA VAL A 34 -21.85 13.45 -13.74
C VAL A 34 -22.96 12.74 -12.99
N ASP A 35 -23.65 11.83 -13.66
CA ASP A 35 -24.70 11.05 -13.03
C ASP A 35 -24.08 10.05 -12.04
N THR A 36 -24.90 9.65 -11.08
CA THR A 36 -24.51 8.65 -10.10
C THR A 36 -25.10 7.31 -10.53
N PHE A 37 -24.28 6.26 -10.49
CA PHE A 37 -24.66 4.93 -10.97
C PHE A 37 -25.05 4.06 -9.78
N ASP A 38 -26.19 3.38 -9.91
CA ASP A 38 -26.64 2.48 -8.86
C ASP A 38 -25.86 1.18 -8.90
N VAL A 39 -25.82 0.50 -7.75
CA VAL A 39 -25.28 -0.86 -7.70
C VAL A 39 -26.06 -1.74 -8.68
N PRO A 40 -25.39 -2.54 -9.52
CA PRO A 40 -26.12 -3.37 -10.48
C PRO A 40 -27.08 -4.32 -9.79
N GLY A 41 -28.28 -4.45 -10.34
CA GLY A 41 -29.27 -5.35 -9.77
C GLY A 41 -28.77 -6.78 -9.66
N VAL A 42 -28.04 -7.23 -10.69
CA VAL A 42 -27.52 -8.60 -10.68
C VAL A 42 -26.59 -8.85 -9.50
N PHE A 43 -26.02 -7.79 -8.89
CA PHE A 43 -25.14 -7.98 -7.74
C PHE A 43 -25.87 -8.64 -6.58
N TYR A 44 -27.10 -8.22 -6.31
CA TYR A 44 -27.85 -8.79 -5.19
C TYR A 44 -28.36 -10.18 -5.54
N GLU A 45 -28.88 -10.35 -6.75
CA GLU A 45 -29.52 -11.62 -7.09
C GLU A 45 -28.50 -12.76 -7.24
N ASN A 46 -27.25 -12.44 -7.61
CA ASN A 46 -26.20 -13.44 -7.72
C ASN A 46 -25.40 -13.63 -6.44
N HIS A 47 -25.62 -12.79 -5.43
CA HIS A 47 -24.76 -12.76 -4.25
C HIS A 47 -24.82 -14.11 -3.53
N PRO A 48 -23.68 -14.69 -3.15
CA PRO A 48 -23.72 -15.97 -2.44
C PRO A 48 -24.27 -15.86 -1.03
N HIS A 49 -24.26 -14.67 -0.43
CA HIS A 49 -24.67 -14.50 0.96
C HIS A 49 -25.61 -13.30 1.05
N GLU A 50 -25.65 -12.67 2.23
CA GLU A 50 -26.38 -11.47 2.60
C GLU A 50 -25.43 -10.29 2.73
N PRO A 51 -25.84 -9.10 2.32
CA PRO A 51 -24.99 -7.92 2.49
C PRO A 51 -24.84 -7.56 3.96
N HIS A 52 -23.69 -6.97 4.29
CA HIS A 52 -23.43 -6.58 5.67
C HIS A 52 -24.24 -5.36 6.10
N LEU A 53 -24.74 -4.59 5.16
CA LEU A 53 -25.60 -3.45 5.45
C LEU A 53 -26.88 -3.61 4.65
N SER A 54 -27.97 -3.06 5.19
CA SER A 54 -29.28 -3.16 4.52
C SER A 54 -29.48 -2.11 3.45
N GLY A 55 -28.58 -1.15 3.32
CA GLY A 55 -28.75 -0.09 2.35
C GLY A 55 -28.04 1.17 2.81
N MET A 56 -28.21 2.22 2.01
CA MET A 56 -27.54 3.50 2.31
C MET A 56 -28.05 4.13 3.59
N ASN A 57 -29.31 3.85 3.98
CA ASN A 57 -29.81 4.36 5.25
C ASN A 57 -29.02 3.83 6.43
N GLU A 58 -28.72 2.53 6.44
CA GLU A 58 -27.93 2.00 7.56
C GLU A 58 -26.48 2.50 7.51
N TYR A 59 -25.93 2.72 6.32
CA TYR A 59 -24.63 3.41 6.23
C TYR A 59 -24.69 4.76 6.91
N ASN A 60 -25.73 5.54 6.61
CA ASN A 60 -25.83 6.90 7.15
C ASN A 60 -26.02 6.88 8.66
N GLN A 61 -26.86 5.96 9.17
CA GLN A 61 -27.02 5.82 10.61
C GLN A 61 -25.69 5.49 11.27
N LEU A 62 -25.02 4.44 10.79
CA LEU A 62 -23.75 4.02 11.36
C LEU A 62 -22.68 5.09 11.19
N TYR A 63 -22.69 5.80 10.07
CA TYR A 63 -21.70 6.86 9.87
C TYR A 63 -21.89 7.97 10.89
N GLN A 64 -23.12 8.44 11.06
CA GLN A 64 -23.36 9.51 12.04
C GLN A 64 -22.97 9.07 13.45
N GLN A 65 -23.24 7.81 13.81
CA GLN A 65 -22.76 7.32 15.10
C GLN A 65 -21.25 7.32 15.19
N SER A 66 -20.55 6.95 14.10
CA SER A 66 -19.09 6.90 14.14
C SER A 66 -18.46 8.28 14.30
N ILE A 67 -19.17 9.34 13.92
CA ILE A 67 -18.71 10.72 14.09
C ILE A 67 -19.20 11.31 15.40
N ASN A 68 -20.46 11.08 15.75
CA ASN A 68 -21.01 11.69 16.95
C ASN A 68 -20.72 10.89 18.22
N ASP A 69 -20.45 9.59 18.12
CA ASP A 69 -20.12 8.80 19.29
C ASP A 69 -19.12 7.72 18.94
N PRO A 70 -17.90 8.08 18.53
CA PRO A 70 -16.91 7.06 18.14
C PRO A 70 -16.57 6.11 19.26
N ASP A 71 -16.67 6.56 20.52
CA ASP A 71 -16.36 5.66 21.63
CA ASP A 71 -16.38 5.67 21.66
C ASP A 71 -17.25 4.43 21.62
N THR A 72 -18.56 4.62 21.40
CA THR A 72 -19.49 3.49 21.33
C THR A 72 -19.36 2.75 20.00
N PHE A 73 -19.29 3.50 18.90
CA PHE A 73 -19.28 2.87 17.58
C PHE A 73 -18.07 1.98 17.41
N TRP A 74 -16.89 2.48 17.77
CA TRP A 74 -15.68 1.70 17.50
C TRP A 74 -15.48 0.59 18.50
N ALA A 75 -15.93 0.78 19.74
CA ALA A 75 -15.89 -0.32 20.71
C ALA A 75 -16.67 -1.52 20.19
N ARG A 76 -17.87 -1.28 19.66
CA ARG A 76 -18.68 -2.38 19.14
C ARG A 76 -18.05 -2.98 17.89
N MET A 77 -17.55 -2.13 17.00
CA MET A 77 -16.90 -2.62 15.79
CA MET A 77 -16.90 -2.64 15.79
C MET A 77 -15.70 -3.50 16.13
N ALA A 78 -14.86 -3.04 17.07
CA ALA A 78 -13.67 -3.80 17.45
C ALA A 78 -14.04 -5.13 18.10
N ARG A 79 -15.02 -5.13 19.00
CA ARG A 79 -15.42 -6.38 19.63
C ARG A 79 -16.15 -7.31 18.67
N ASP A 80 -16.77 -6.77 17.60
CA ASP A 80 -17.31 -7.60 16.52
C ASP A 80 -16.21 -8.34 15.77
N LEU A 81 -15.11 -7.64 15.45
CA LEU A 81 -14.20 -8.10 14.41
C LEU A 81 -12.89 -8.67 14.91
N ILE A 82 -12.47 -8.32 16.12
CA ILE A 82 -11.13 -8.67 16.58
C ILE A 82 -11.26 -9.41 17.91
N THR A 83 -10.54 -10.53 18.04
CA THR A 83 -10.55 -11.31 19.29
C THR A 83 -9.41 -10.83 20.19
N PHE A 84 -9.77 -10.20 21.31
CA PHE A 84 -8.77 -9.70 22.27
C PHE A 84 -8.50 -10.75 23.33
N GLU A 85 -7.23 -10.88 23.74
CA GLU A 85 -6.91 -11.66 24.94
C GLU A 85 -7.44 -10.97 26.18
N LYS A 86 -7.29 -9.66 26.25
CA LYS A 86 -7.81 -8.85 27.33
C LYS A 86 -8.62 -7.72 26.73
N ASP A 87 -9.87 -7.56 27.20
CA ASP A 87 -10.73 -6.51 26.68
C ASP A 87 -10.12 -5.15 26.96
N PHE A 88 -10.42 -4.17 26.10
CA PHE A 88 -9.86 -2.83 26.29
C PHE A 88 -10.72 -2.03 27.26
N ASP A 89 -10.10 -1.03 27.90
CA ASP A 89 -10.78 -0.20 28.89
C ASP A 89 -11.41 1.04 28.27
N LYS A 90 -10.84 1.56 27.20
CA LYS A 90 -11.39 2.78 26.62
C LYS A 90 -11.14 2.74 25.12
N THR A 91 -12.12 3.21 24.36
CA THR A 91 -12.01 3.14 22.91
C THR A 91 -10.87 4.03 22.41
N HIS A 92 -10.74 5.24 22.94
CA HIS A 92 -9.78 6.19 22.38
C HIS A 92 -9.42 7.26 23.40
N ILE A 93 -8.14 7.63 23.44
CA ILE A 93 -7.66 8.78 24.20
C ILE A 93 -6.74 9.58 23.27
N GLY A 94 -6.48 10.83 23.66
CA GLY A 94 -5.61 11.71 22.88
C GLY A 94 -6.40 12.54 21.88
N THR A 95 -5.69 13.43 21.19
CA THR A 95 -6.30 14.32 20.20
C THR A 95 -5.38 14.40 19.00
N LEU A 96 -5.91 14.90 17.87
CA LEU A 96 -5.07 15.12 16.70
C LEU A 96 -3.95 16.11 17.01
N GLU A 97 -4.29 17.23 17.66
CA GLU A 97 -3.26 18.23 17.92
C GLU A 97 -2.24 17.73 18.94
N GLY A 98 -2.64 16.83 19.83
CA GLY A 98 -1.69 16.31 20.79
C GLY A 98 -0.72 15.30 20.23
N GLY A 99 -1.04 14.70 19.07
CA GLY A 99 -0.19 13.65 18.51
C GLY A 99 0.01 12.51 19.47
N ASP A 100 -1.03 12.18 20.25
CA ASP A 100 -0.97 11.23 21.35
C ASP A 100 -2.12 10.22 21.26
N ASN A 101 -2.62 9.98 20.06
CA ASN A 101 -3.80 9.14 19.92
C ASN A 101 -3.49 7.69 20.25
N ALA A 102 -4.38 7.07 20.99
CA ALA A 102 -4.27 5.67 21.34
C ALA A 102 -5.66 5.07 21.31
N TRP A 103 -5.78 3.88 20.75
CA TRP A 103 -7.06 3.23 20.53
C TRP A 103 -7.10 1.87 21.21
N PHE A 104 -8.25 1.54 21.80
CA PHE A 104 -8.44 0.30 22.52
C PHE A 104 -7.38 0.11 23.59
N VAL A 105 -7.18 1.18 24.39
CA VAL A 105 -6.12 1.15 25.41
C VAL A 105 -6.50 0.18 26.52
N GLY A 106 -5.48 -0.50 27.04
CA GLY A 106 -5.71 -1.55 28.00
C GLY A 106 -6.00 -2.90 27.39
N GLY A 107 -6.26 -2.96 26.08
CA GLY A 107 -6.51 -4.23 25.43
C GLY A 107 -5.23 -4.99 25.16
N ARG A 108 -5.35 -6.32 25.06
CA ARG A 108 -4.21 -7.15 24.64
C ARG A 108 -4.68 -8.14 23.59
N LEU A 109 -3.78 -8.46 22.66
CA LEU A 109 -4.16 -9.27 21.50
C LEU A 109 -2.90 -9.68 20.76
N ASN A 110 -3.08 -10.49 19.72
CA ASN A 110 -1.97 -10.77 18.81
C ASN A 110 -2.48 -10.79 17.40
N ALA A 111 -1.76 -10.13 16.47
CA ALA A 111 -2.26 -10.06 15.09
C ALA A 111 -2.23 -11.43 14.41
N SER A 112 -1.22 -12.26 14.69
CA SER A 112 -1.20 -13.57 14.03
C SER A 112 -2.29 -14.48 14.59
N PHE A 113 -2.63 -14.33 15.87
CA PHE A 113 -3.75 -15.09 16.41
C PHE A 113 -5.03 -14.75 15.65
N ASN A 114 -5.21 -13.47 15.31
CA ASN A 114 -6.45 -13.03 14.67
C ASN A 114 -6.45 -13.32 13.18
N CYS A 115 -5.28 -13.41 12.56
CA CYS A 115 -5.18 -13.76 11.15
C CYS A 115 -5.13 -15.27 10.89
N VAL A 116 -4.74 -16.07 11.89
CA VAL A 116 -4.46 -17.48 11.65
C VAL A 116 -5.13 -18.37 12.70
N ASP A 117 -4.68 -18.30 13.97
CA ASP A 117 -5.12 -19.26 14.99
C ASP A 117 -6.63 -19.39 15.07
N ARG A 118 -7.33 -18.27 15.18
CA ARG A 118 -8.76 -18.38 15.46
C ARG A 118 -9.50 -19.02 14.29
N HIS A 119 -8.95 -18.90 13.08
CA HIS A 119 -9.54 -19.56 11.91
C HIS A 119 -9.12 -21.02 11.82
N ALA A 120 -7.85 -21.31 12.11
CA ALA A 120 -7.39 -22.69 12.13
C ALA A 120 -8.14 -23.50 13.19
N MET A 121 -8.51 -22.87 14.30
CA MET A 121 -9.25 -23.57 15.34
C MET A 121 -10.65 -23.96 14.87
N ARG A 122 -11.29 -23.10 14.09
CA ARG A 122 -12.65 -23.33 13.63
C ARG A 122 -12.72 -24.19 12.37
N ASP A 123 -11.77 -24.05 11.46
CA ASP A 123 -11.86 -24.65 10.13
C ASP A 123 -10.46 -24.88 9.61
N PRO A 124 -9.74 -25.86 10.19
CA PRO A 124 -8.31 -26.01 9.84
C PRO A 124 -8.04 -26.23 8.38
N ASN A 125 -8.94 -26.89 7.65
CA ASN A 125 -8.67 -27.20 6.25
C ASN A 125 -9.18 -26.14 5.28
N LYS A 126 -9.73 -25.03 5.77
CA LYS A 126 -10.13 -23.95 4.87
C LYS A 126 -8.89 -23.37 4.22
N VAL A 127 -8.98 -23.03 2.94
CA VAL A 127 -7.84 -22.48 2.21
C VAL A 127 -7.63 -21.03 2.62
N ALA A 128 -6.46 -20.73 3.17
CA ALA A 128 -6.15 -19.38 3.55
C ALA A 128 -5.51 -18.60 2.40
N ILE A 129 -4.58 -19.22 1.69
CA ILE A 129 -3.76 -18.56 0.69
C ILE A 129 -3.78 -19.38 -0.59
N ILE A 130 -4.06 -18.72 -1.70
CA ILE A 130 -3.84 -19.28 -3.02
C ILE A 130 -2.61 -18.60 -3.59
N TYR A 131 -1.53 -19.36 -3.75
CA TYR A 131 -0.32 -18.84 -4.35
C TYR A 131 -0.40 -19.07 -5.84
N GLU A 132 -0.38 -17.99 -6.61
CA GLU A 132 -0.29 -18.07 -8.06
C GLU A 132 1.14 -17.68 -8.42
N ALA A 133 1.93 -18.65 -8.90
CA ALA A 133 3.35 -18.47 -9.16
C ALA A 133 3.58 -17.66 -10.43
N ASP A 134 4.83 -17.24 -10.63
CA ASP A 134 5.15 -16.49 -11.84
C ASP A 134 4.83 -17.32 -13.09
N GLU A 135 5.19 -18.61 -13.08
CA GLU A 135 4.75 -19.47 -14.18
C GLU A 135 3.35 -20.00 -13.90
N PRO A 136 2.41 -19.84 -14.82
CA PRO A 136 1.08 -20.43 -14.62
C PRO A 136 1.17 -21.95 -14.42
N GLY A 137 0.19 -22.48 -13.68
CA GLY A 137 0.13 -23.91 -13.45
C GLY A 137 1.06 -24.41 -12.37
N HIS A 138 1.76 -23.52 -11.64
N HIS A 138 1.84 -23.54 -11.76
CA HIS A 138 2.80 -23.91 -10.69
CA HIS A 138 2.56 -23.91 -10.55
C HIS A 138 2.59 -23.39 -9.27
C HIS A 138 1.74 -23.34 -9.39
N GLY A 139 1.37 -23.03 -8.89
N GLY A 139 2.39 -22.96 -8.32
CA GLY A 139 1.08 -22.53 -7.56
CA GLY A 139 1.67 -22.48 -7.16
C GLY A 139 0.69 -23.62 -6.60
C GLY A 139 0.93 -23.60 -6.46
N ARG A 140 0.18 -23.21 -5.43
CA ARG A 140 -0.41 -24.17 -4.50
C ARG A 140 -1.42 -23.43 -3.64
N SER A 141 -2.25 -24.21 -2.94
CA SER A 141 -3.17 -23.66 -1.96
C SER A 141 -2.72 -24.07 -0.57
N ILE A 142 -2.89 -23.16 0.38
CA ILE A 142 -2.37 -23.33 1.74
C ILE A 142 -3.55 -23.17 2.70
N THR A 143 -3.79 -24.19 3.53
CA THR A 143 -4.90 -24.12 4.48
C THR A 143 -4.52 -23.27 5.70
N TYR A 144 -5.53 -22.90 6.49
CA TYR A 144 -5.25 -22.17 7.73
C TYR A 144 -4.35 -22.97 8.66
N ALA A 145 -4.56 -24.29 8.73
CA ALA A 145 -3.70 -25.13 9.57
C ALA A 145 -2.27 -25.17 9.05
N GLU A 146 -2.09 -25.30 7.72
CA GLU A 146 -0.75 -25.22 7.16
C GLU A 146 -0.10 -23.87 7.43
N LEU A 147 -0.89 -22.79 7.32
CA LEU A 147 -0.36 -21.47 7.59
C LEU A 147 0.08 -21.31 9.05
N LEU A 148 -0.68 -21.89 9.99
CA LEU A 148 -0.29 -21.81 11.40
C LEU A 148 1.04 -22.53 11.63
N LYS A 149 1.22 -23.68 10.97
CA LYS A 149 2.50 -24.38 11.04
C LYS A 149 3.65 -23.51 10.50
N GLU A 150 3.47 -22.96 9.31
CA GLU A 150 4.59 -22.25 8.70
C GLU A 150 4.93 -20.97 9.47
N VAL A 151 3.90 -20.25 9.93
CA VAL A 151 4.13 -19.08 10.77
C VAL A 151 4.83 -19.48 12.07
N SER A 152 4.39 -20.58 12.69
CA SER A 152 4.97 -21.00 13.97
C SER A 152 6.44 -21.38 13.80
N ARG A 153 6.76 -22.20 12.81
CA ARG A 153 8.15 -22.64 12.81
C ARG A 153 9.10 -21.56 12.32
N LEU A 154 8.64 -20.64 11.45
CA LEU A 154 9.48 -19.50 11.13
C LEU A 154 9.69 -18.60 12.34
N ALA A 155 8.63 -18.40 13.13
CA ALA A 155 8.77 -17.64 14.38
C ALA A 155 9.76 -18.33 15.32
N TRP A 156 9.74 -19.67 15.38
CA TRP A 156 10.76 -20.40 16.13
C TRP A 156 12.17 -20.07 15.64
N VAL A 157 12.37 -19.98 14.32
CA VAL A 157 13.70 -19.67 13.78
C VAL A 157 14.18 -18.33 14.30
N MET A 158 13.33 -17.30 14.19
CA MET A 158 13.71 -15.96 14.63
C MET A 158 13.96 -15.92 16.13
N LYS A 159 13.08 -16.54 16.91
CA LYS A 159 13.30 -16.63 18.35
C LYS A 159 14.63 -17.31 18.66
N SER A 160 14.92 -18.43 17.97
CA SER A 160 16.15 -19.17 18.26
C SER A 160 17.38 -18.37 17.88
N GLN A 161 17.26 -17.51 16.89
CA GLN A 161 18.40 -16.69 16.48
C GLN A 161 18.50 -15.39 17.27
N GLY A 162 17.60 -15.15 18.22
CA GLY A 162 17.71 -14.04 19.14
C GLY A 162 16.74 -12.89 18.94
N VAL A 163 15.81 -12.99 17.99
CA VAL A 163 14.82 -11.93 17.80
C VAL A 163 13.87 -11.91 18.97
N ARG A 164 13.61 -10.73 19.53
CA ARG A 164 12.72 -10.56 20.68
C ARG A 164 11.61 -9.57 20.38
N LYS A 165 10.62 -9.55 21.27
CA LYS A 165 9.51 -8.60 21.19
C LYS A 165 10.04 -7.19 21.07
N GLY A 166 9.50 -6.43 20.12
CA GLY A 166 9.94 -5.07 19.93
C GLY A 166 11.13 -4.87 19.00
N ASP A 167 11.83 -5.93 18.60
CA ASP A 167 12.88 -5.82 17.60
C ASP A 167 12.26 -5.61 16.21
N THR A 168 12.96 -4.89 15.35
CA THR A 168 12.52 -4.84 13.96
C THR A 168 13.16 -5.97 13.16
N VAL A 169 12.45 -6.42 12.14
CA VAL A 169 12.92 -7.46 11.22
C VAL A 169 12.76 -6.94 9.81
N ALA A 170 13.87 -6.90 9.06
CA ALA A 170 13.83 -6.45 7.67
C ALA A 170 13.37 -7.60 6.80
N ILE A 171 12.43 -7.33 5.89
CA ILE A 171 11.89 -8.32 4.97
C ILE A 171 12.09 -7.81 3.54
N TYR A 172 12.81 -8.58 2.73
CA TYR A 172 13.09 -8.20 1.34
C TYR A 172 12.69 -9.39 0.49
N LEU A 173 11.38 -9.52 0.26
CA LEU A 173 10.79 -10.70 -0.36
C LEU A 173 9.91 -10.28 -1.53
N PRO A 174 9.83 -11.11 -2.57
CA PRO A 174 8.84 -10.88 -3.63
C PRO A 174 7.49 -11.44 -3.23
N MET A 175 6.53 -11.52 -4.17
CA MET A 175 5.15 -11.91 -3.87
C MET A 175 5.02 -13.44 -3.90
N ILE A 176 5.44 -14.06 -2.81
CA ILE A 176 5.29 -15.49 -2.58
C ILE A 176 4.64 -15.66 -1.21
N PRO A 177 4.02 -16.82 -0.95
CA PRO A 177 3.32 -16.96 0.34
C PRO A 177 4.26 -16.84 1.53
N GLU A 178 5.54 -17.17 1.33
CA GLU A 178 6.54 -17.00 2.36
C GLU A 178 6.58 -15.56 2.88
N ALA A 179 6.19 -14.59 2.06
CA ALA A 179 6.11 -13.23 2.55
C ALA A 179 5.02 -13.09 3.60
N ILE A 180 3.85 -13.69 3.36
CA ILE A 180 2.84 -13.72 4.41
C ILE A 180 3.35 -14.46 5.64
N PHE A 181 3.99 -15.60 5.45
CA PHE A 181 4.57 -16.29 6.61
C PHE A 181 5.45 -15.34 7.43
N ALA A 182 6.25 -14.51 6.75
CA ALA A 182 7.24 -13.69 7.46
C ALA A 182 6.58 -12.54 8.22
N LEU A 183 5.66 -11.82 7.57
CA LEU A 183 4.95 -10.77 8.31
C LEU A 183 4.28 -11.36 9.54
N LEU A 184 3.58 -12.48 9.37
CA LEU A 184 2.77 -12.99 10.47
C LEU A 184 3.62 -13.64 11.55
N ALA A 185 4.75 -14.24 11.17
CA ALA A 185 5.67 -14.76 12.18
C ALA A 185 6.28 -13.63 13.00
N CYS A 186 6.60 -12.51 12.36
CA CYS A 186 7.06 -11.35 13.12
C CYS A 186 5.99 -10.92 14.11
N ALA A 187 4.77 -10.72 13.62
CA ALA A 187 3.65 -10.37 14.50
C ALA A 187 3.47 -11.39 15.62
N ARG A 188 3.71 -12.67 15.34
CA ARG A 188 3.47 -13.68 16.36
C ARG A 188 4.42 -13.55 17.55
N ILE A 189 5.66 -13.12 17.33
CA ILE A 189 6.57 -12.93 18.46
C ILE A 189 6.65 -11.49 18.90
N GLY A 190 5.86 -10.60 18.29
CA GLY A 190 5.91 -9.20 18.64
C GLY A 190 7.09 -8.46 18.10
N ALA A 191 7.81 -9.04 17.13
CA ALA A 191 8.76 -8.31 16.33
C ALA A 191 8.02 -7.37 15.39
N ILE A 192 8.69 -6.33 14.97
CA ILE A 192 8.11 -5.28 14.14
C ILE A 192 8.61 -5.48 12.71
N HIS A 193 7.74 -5.93 11.79
CA HIS A 193 8.24 -6.21 10.46
C HIS A 193 8.43 -4.91 9.69
N SER A 194 9.48 -4.86 8.88
CA SER A 194 9.76 -3.68 8.07
C SER A 194 10.00 -4.19 6.66
N VAL A 195 8.94 -4.20 5.86
CA VAL A 195 8.97 -4.79 4.54
C VAL A 195 9.58 -3.78 3.55
N VAL A 196 10.57 -4.23 2.79
CA VAL A 196 11.21 -3.42 1.75
C VAL A 196 10.83 -4.02 0.40
N PHE A 197 10.16 -3.21 -0.42
CA PHE A 197 9.72 -3.61 -1.74
C PHE A 197 10.90 -4.16 -2.54
N ALA A 198 10.69 -5.32 -3.15
CA ALA A 198 11.78 -6.02 -3.82
C ALA A 198 12.28 -5.32 -5.09
N GLY A 199 11.68 -4.21 -5.49
CA GLY A 199 12.23 -3.40 -6.56
C GLY A 199 13.17 -2.32 -6.10
N PHE A 200 13.40 -2.22 -4.79
CA PHE A 200 14.37 -1.27 -4.25
C PHE A 200 15.80 -1.75 -4.47
N SER A 201 16.71 -0.80 -4.63
CA SER A 201 18.13 -1.07 -4.81
C SER A 201 18.79 -1.43 -3.50
N SER A 202 20.06 -1.83 -3.58
CA SER A 202 20.82 -2.12 -2.36
C SER A 202 20.95 -0.88 -1.47
N ASP A 203 21.12 0.31 -2.06
CA ASP A 203 21.20 1.54 -1.24
C ASP A 203 19.90 1.78 -0.48
N SER A 204 18.76 1.65 -1.14
CA SER A 204 17.46 1.85 -0.49
C SER A 204 17.22 0.80 0.60
N LEU A 205 17.61 -0.44 0.34
CA LEU A 205 17.45 -1.50 1.34
C LEU A 205 18.32 -1.22 2.56
N ARG A 206 19.57 -0.83 2.31
CA ARG A 206 20.50 -0.48 3.39
C ARG A 206 19.94 0.63 4.26
N ASP A 207 19.50 1.73 3.64
CA ASP A 207 19.00 2.87 4.39
C ASP A 207 17.84 2.46 5.28
N ARG A 208 16.95 1.60 4.79
CA ARG A 208 15.79 1.23 5.59
C ARG A 208 16.16 0.26 6.70
N THR A 209 17.15 -0.60 6.46
CA THR A 209 17.59 -1.57 7.46
C THR A 209 18.35 -0.89 8.58
N LEU A 210 19.15 0.13 8.22
CA LEU A 210 19.88 0.91 9.20
C LEU A 210 18.95 1.74 10.06
N ASP A 211 18.05 2.49 9.43
CA ASP A 211 17.14 3.35 10.19
C ASP A 211 16.29 2.52 11.15
N ALA A 212 15.79 1.38 10.69
CA ALA A 212 14.99 0.50 11.55
C ALA A 212 15.83 -0.22 12.60
N ARG A 213 17.17 -0.17 12.47
CA ARG A 213 18.11 -0.88 13.33
C ARG A 213 17.76 -2.36 13.43
N SER A 214 17.44 -2.98 12.29
CA SER A 214 17.11 -4.39 12.27
C SER A 214 18.37 -5.25 12.37
N LYS A 215 18.27 -6.34 13.13
CA LYS A 215 19.37 -7.28 13.34
C LYS A 215 19.17 -8.58 12.59
N PHE A 216 18.04 -8.73 11.90
CA PHE A 216 17.64 -9.96 11.24
C PHE A 216 17.00 -9.54 9.93
N ILE A 217 17.32 -10.24 8.85
CA ILE A 217 16.69 -9.97 7.57
C ILE A 217 16.26 -11.29 6.94
N ILE A 218 15.16 -11.24 6.19
CA ILE A 218 14.58 -12.39 5.52
C ILE A 218 14.51 -12.06 4.03
N THR A 219 15.05 -12.94 3.18
CA THR A 219 15.01 -12.69 1.75
C THR A 219 14.94 -14.02 1.01
N THR A 220 14.98 -13.95 -0.32
CA THR A 220 15.04 -15.10 -1.21
C THR A 220 16.40 -15.19 -1.87
N ASP A 221 16.73 -16.37 -2.41
CA ASP A 221 17.93 -16.45 -3.24
C ASP A 221 17.76 -15.58 -4.48
N GLU A 222 16.62 -15.73 -5.17
CA GLU A 222 16.28 -14.92 -6.33
C GLU A 222 14.77 -14.78 -6.38
N GLY A 223 14.32 -13.74 -7.09
CA GLY A 223 12.91 -13.56 -7.42
C GLY A 223 12.67 -13.84 -8.89
N LYS A 224 11.44 -14.23 -9.22
CA LYS A 224 11.01 -14.42 -10.60
C LYS A 224 9.76 -13.58 -10.82
N ARG A 225 9.84 -12.62 -11.75
CA ARG A 225 8.69 -11.75 -11.99
C ARG A 225 8.60 -11.45 -13.47
N GLY A 226 7.51 -11.89 -14.11
CA GLY A 226 7.37 -11.74 -15.54
C GLY A 226 8.42 -12.50 -16.33
N GLY A 227 8.88 -13.64 -15.81
CA GLY A 227 9.92 -14.41 -16.46
C GLY A 227 11.34 -13.92 -16.22
N LYS A 228 11.52 -12.81 -15.50
CA LYS A 228 12.83 -12.21 -15.27
C LYS A 228 13.34 -12.57 -13.88
N VAL A 229 14.65 -12.73 -13.77
CA VAL A 229 15.30 -13.08 -12.51
C VAL A 229 15.67 -11.79 -11.78
N ILE A 230 15.31 -11.72 -10.51
CA ILE A 230 15.68 -10.64 -9.60
C ILE A 230 16.74 -11.20 -8.65
N GLY A 231 17.96 -10.68 -8.74
CA GLY A 231 19.04 -11.17 -7.89
C GLY A 231 18.95 -10.65 -6.46
N THR A 232 17.98 -11.16 -5.68
CA THR A 232 17.73 -10.60 -4.36
C THR A 232 18.91 -10.83 -3.42
N LYS A 233 19.45 -12.05 -3.40
CA LYS A 233 20.54 -12.33 -2.46
C LYS A 233 21.74 -11.43 -2.73
N LYS A 234 22.07 -11.18 -3.99
CA LYS A 234 23.22 -10.32 -4.28
C LYS A 234 22.94 -8.88 -3.85
N ILE A 235 21.70 -8.41 -4.02
CA ILE A 235 21.36 -7.07 -3.56
C ILE A 235 21.47 -6.99 -2.05
N VAL A 236 20.97 -8.02 -1.36
CA VAL A 236 21.05 -8.04 0.09
C VAL A 236 22.51 -8.07 0.55
N ASP A 237 23.35 -8.87 -0.13
CA ASP A 237 24.75 -8.92 0.26
C ASP A 237 25.38 -7.54 0.19
N GLU A 238 25.09 -6.79 -0.87
CA GLU A 238 25.65 -5.45 -1.03
C GLU A 238 25.18 -4.52 0.08
N ALA A 239 23.89 -4.57 0.41
CA ALA A 239 23.35 -3.70 1.44
C ALA A 239 23.94 -4.02 2.80
N LEU A 240 24.06 -5.31 3.12
CA LEU A 240 24.53 -5.73 4.44
C LEU A 240 25.98 -5.36 4.71
N LYS A 241 26.79 -5.09 3.67
CA LYS A 241 28.14 -4.60 3.90
C LYS A 241 28.17 -3.33 4.75
N GLN A 242 27.06 -2.60 4.78
CA GLN A 242 26.96 -1.36 5.54
C GLN A 242 25.88 -1.46 6.61
N CYS A 243 25.49 -2.67 6.98
CA CYS A 243 24.54 -2.91 8.07
C CYS A 243 25.19 -3.86 9.06
N PRO A 244 26.15 -3.39 9.84
CA PRO A 244 26.94 -4.30 10.68
C PRO A 244 26.17 -4.91 11.82
N ASP A 245 24.99 -4.40 12.13
CA ASP A 245 24.19 -4.96 13.22
C ASP A 245 23.32 -6.12 12.79
N VAL A 246 23.24 -6.41 11.48
CA VAL A 246 22.49 -7.58 11.01
C VAL A 246 23.37 -8.80 11.21
N THR A 247 22.95 -9.70 12.09
CA THR A 247 23.74 -10.87 12.43
C THR A 247 23.21 -12.16 11.81
N ASN A 248 22.00 -12.15 11.24
CA ASN A 248 21.51 -13.30 10.51
C ASN A 248 20.69 -12.87 9.30
N CYS A 249 20.85 -13.62 8.23
CA CYS A 249 20.08 -13.43 7.01
C CYS A 249 19.46 -14.78 6.67
N LEU A 250 18.14 -14.87 6.75
CA LEU A 250 17.43 -16.11 6.44
C LEU A 250 17.01 -16.10 4.98
N VAL A 251 17.40 -17.13 4.22
CA VAL A 251 17.26 -17.12 2.77
C VAL A 251 16.29 -18.22 2.37
N PHE A 252 15.21 -17.83 1.69
CA PHE A 252 14.28 -18.81 1.15
C PHE A 252 14.74 -19.24 -0.24
N LYS A 253 14.81 -20.54 -0.46
CA LYS A 253 15.25 -21.09 -1.74
C LYS A 253 14.11 -21.04 -2.74
N ARG A 254 13.97 -19.89 -3.41
CA ARG A 254 12.92 -19.72 -4.42
C ARG A 254 13.29 -20.35 -5.75
N THR A 255 14.49 -20.06 -6.28
CA THR A 255 14.87 -20.59 -7.59
C THR A 255 15.89 -21.72 -7.54
N GLY A 256 16.63 -21.87 -6.43
CA GLY A 256 17.66 -22.89 -6.38
C GLY A 256 18.96 -22.54 -7.07
N ALA A 257 19.08 -21.33 -7.63
CA ALA A 257 20.32 -20.98 -8.31
C ALA A 257 21.42 -20.77 -7.28
N ASP A 258 22.65 -21.06 -7.70
CA ASP A 258 23.79 -20.81 -6.83
C ASP A 258 23.90 -19.32 -6.53
N VAL A 259 23.89 -18.99 -5.25
CA VAL A 259 24.02 -17.60 -4.81
C VAL A 259 25.20 -17.51 -3.88
N PRO A 260 25.81 -16.32 -3.74
CA PRO A 260 26.87 -16.15 -2.76
C PRO A 260 26.35 -16.48 -1.38
N TRP A 261 27.22 -17.05 -0.55
CA TRP A 261 26.81 -17.50 0.77
C TRP A 261 27.86 -17.07 1.78
N THR A 262 27.39 -16.56 2.91
CA THR A 262 28.25 -16.03 3.96
C THR A 262 28.05 -16.90 5.18
N LYS A 263 28.96 -17.87 5.38
CA LYS A 263 28.81 -18.80 6.49
C LYS A 263 28.87 -18.03 7.82
N GLY A 264 28.11 -18.49 8.80
CA GLY A 264 28.01 -17.81 10.06
C GLY A 264 26.95 -16.71 10.10
N ARG A 265 26.50 -16.22 8.96
CA ARG A 265 25.44 -15.21 8.89
C ARG A 265 24.21 -15.69 8.15
N ASP A 266 24.39 -16.29 6.98
CA ASP A 266 23.26 -16.74 6.17
C ASP A 266 22.76 -18.10 6.65
N LEU A 267 21.46 -18.27 6.61
CA LEU A 267 20.82 -19.52 6.96
C LEU A 267 19.77 -19.83 5.90
N TRP A 268 19.56 -21.12 5.66
CA TRP A 268 18.55 -21.58 4.71
C TRP A 268 17.22 -21.73 5.44
N TRP A 269 16.19 -21.06 4.94
CA TRP A 269 14.83 -21.20 5.48
C TRP A 269 14.45 -22.68 5.66
N HIS A 270 14.58 -23.49 4.61
CA HIS A 270 14.10 -24.87 4.69
C HIS A 270 14.91 -25.67 5.69
N GLU A 271 16.23 -25.44 5.78
CA GLU A 271 17.02 -26.17 6.77
C GLU A 271 16.62 -25.79 8.20
N GLU A 272 16.37 -24.50 8.44
CA GLU A 272 16.11 -24.07 9.82
C GLU A 272 14.72 -24.48 10.30
N VAL A 273 13.68 -24.28 9.49
CA VAL A 273 12.32 -24.55 9.99
C VAL A 273 12.15 -26.03 10.30
N ASP A 274 12.86 -26.90 9.58
CA ASP A 274 12.77 -28.34 9.85
C ASP A 274 13.23 -28.69 11.26
N LYS A 275 13.95 -27.80 11.93
CA LYS A 275 14.46 -28.09 13.26
C LYS A 275 13.39 -27.90 14.34
N TYR A 276 12.36 -27.11 14.08
CA TYR A 276 11.51 -26.53 15.11
C TYR A 276 10.09 -27.07 15.08
N PRO A 277 9.36 -26.97 16.19
CA PRO A 277 7.97 -27.47 16.22
C PRO A 277 7.08 -26.70 15.28
N ASN A 278 5.94 -27.33 14.96
CA ASN A 278 4.94 -26.81 14.05
C ASN A 278 3.90 -25.94 14.73
N TYR A 279 4.07 -25.68 16.03
CA TYR A 279 3.26 -24.72 16.77
C TYR A 279 4.17 -23.92 17.69
N LEU A 280 3.83 -22.65 17.88
CA LEU A 280 4.52 -21.76 18.82
C LEU A 280 3.44 -20.90 19.45
N PRO A 281 3.50 -20.66 20.77
CA PRO A 281 2.59 -19.69 21.39
C PRO A 281 2.71 -18.31 20.74
N ALA A 282 1.62 -17.55 20.81
CA ALA A 282 1.62 -16.18 20.32
C ALA A 282 1.95 -15.23 21.47
N GLU A 283 2.78 -14.24 21.19
CA GLU A 283 3.15 -13.27 22.22
C GLU A 283 1.99 -12.33 22.51
N SER A 284 1.75 -12.06 23.79
CA SER A 284 0.66 -11.16 24.21
C SER A 284 1.08 -9.71 23.96
N MET A 285 0.43 -9.04 23.01
CA MET A 285 0.76 -7.66 22.64
C MET A 285 -0.27 -6.67 23.17
N ASP A 286 0.20 -5.48 23.52
CA ASP A 286 -0.68 -4.36 23.85
C ASP A 286 -1.33 -3.84 22.57
N SER A 287 -2.58 -3.36 22.69
CA SER A 287 -3.20 -2.67 21.58
C SER A 287 -2.27 -1.68 20.89
N GLU A 288 -1.44 -0.99 21.66
CA GLU A 288 -0.59 0.05 21.10
C GLU A 288 0.87 -0.36 20.95
N ASP A 289 1.17 -1.65 21.02
CA ASP A 289 2.51 -2.08 20.62
C ASP A 289 2.69 -1.92 19.10
N PRO A 290 3.89 -1.57 18.63
CA PRO A 290 4.08 -1.43 17.18
C PRO A 290 3.90 -2.76 16.50
N LEU A 291 3.18 -2.74 15.39
CA LEU A 291 2.99 -3.89 14.51
C LEU A 291 3.95 -3.88 13.33
N PHE A 292 4.09 -2.75 12.63
CA PHE A 292 5.06 -2.70 11.55
C PHE A 292 5.48 -1.27 11.25
N LEU A 293 6.59 -1.16 10.53
CA LEU A 293 7.06 0.07 9.89
C LEU A 293 6.97 -0.10 8.37
N LEU A 294 6.59 0.97 7.68
CA LEU A 294 6.57 0.93 6.22
C LEU A 294 7.18 2.23 5.74
N TYR A 295 8.39 2.16 5.18
CA TYR A 295 9.08 3.37 4.79
C TYR A 295 8.40 4.00 3.57
N THR A 296 8.18 5.31 3.66
CA THR A 296 7.27 6.02 2.77
C THR A 296 7.91 7.33 2.34
N SER A 297 7.86 7.61 1.03
CA SER A 297 8.45 8.83 0.50
C SER A 297 7.55 10.04 0.75
N GLY A 298 8.17 11.17 1.08
CA GLY A 298 7.44 12.37 1.43
C GLY A 298 7.92 13.58 0.65
N SER A 299 7.35 14.73 1.00
CA SER A 299 7.66 15.95 0.25
C SER A 299 9.11 16.36 0.41
N THR A 300 9.70 16.11 1.58
CA THR A 300 11.08 16.49 1.86
C THR A 300 11.76 15.38 2.64
N GLY A 301 13.08 15.31 2.55
CA GLY A 301 13.86 14.44 3.41
C GLY A 301 13.85 12.99 2.96
N LYS A 302 14.56 12.17 3.73
CA LYS A 302 14.64 10.75 3.48
C LYS A 302 13.28 10.08 3.70
N PRO A 303 13.07 8.88 3.17
CA PRO A 303 11.81 8.17 3.44
C PRO A 303 11.57 8.04 4.94
N LYS A 304 10.29 8.14 5.34
CA LYS A 304 9.88 8.06 6.74
C LYS A 304 9.39 6.64 7.05
N GLY A 305 9.85 6.10 8.17
CA GLY A 305 9.31 4.84 8.66
C GLY A 305 7.96 5.02 9.33
N VAL A 306 6.89 4.97 8.54
CA VAL A 306 5.53 5.12 9.07
C VAL A 306 5.21 3.92 9.94
N MET A 307 4.86 4.17 11.21
CA MET A 307 4.63 3.12 12.18
CA MET A 307 4.62 3.11 12.17
C MET A 307 3.14 2.93 12.44
N HIS A 308 2.67 1.69 12.29
CA HIS A 308 1.31 1.31 12.67
C HIS A 308 1.40 0.42 13.90
N THR A 309 0.50 0.66 14.85
CA THR A 309 0.42 -0.22 16.02
C THR A 309 -0.63 -1.32 15.72
N THR A 310 -1.14 -1.97 16.76
CA THR A 310 -1.71 -3.29 16.57
C THR A 310 -3.24 -3.27 16.51
N ALA A 311 -3.92 -2.89 17.60
CA ALA A 311 -5.38 -3.07 17.62
C ALA A 311 -6.08 -2.18 16.60
N GLY A 312 -5.78 -0.88 16.62
CA GLY A 312 -6.50 0.03 15.75
C GLY A 312 -6.28 -0.28 14.28
N TYR A 313 -5.04 -0.60 13.91
CA TYR A 313 -4.76 -0.97 12.52
C TYR A 313 -5.57 -2.18 12.09
N LEU A 314 -5.60 -3.23 12.93
CA LEU A 314 -6.34 -4.44 12.57
C LEU A 314 -7.84 -4.17 12.50
N VAL A 315 -8.36 -3.37 13.44
CA VAL A 315 -9.78 -3.01 13.40
C VAL A 315 -10.12 -2.32 12.07
N GLY A 316 -9.29 -1.37 11.66
CA GLY A 316 -9.53 -0.69 10.39
C GLY A 316 -9.40 -1.61 9.20
N ALA A 317 -8.43 -2.52 9.22
CA ALA A 317 -8.27 -3.47 8.12
C ALA A 317 -9.49 -4.38 8.02
N ALA A 318 -9.90 -4.95 9.14
CA ALA A 318 -11.07 -5.81 9.11
C ALA A 318 -12.33 -5.03 8.75
N ALA A 319 -12.47 -3.81 9.27
CA ALA A 319 -13.69 -3.05 9.05
C ALA A 319 -13.85 -2.67 7.58
N THR A 320 -12.78 -2.24 6.94
CA THR A 320 -12.85 -1.90 5.53
C THR A 320 -12.96 -3.15 4.68
N GLY A 321 -12.21 -4.20 5.02
CA GLY A 321 -12.35 -5.45 4.29
C GLY A 321 -13.77 -5.95 4.29
N LYS A 322 -14.46 -5.80 5.43
CA LYS A 322 -15.84 -6.26 5.55
C LYS A 322 -16.81 -5.32 4.82
N TYR A 323 -16.75 -4.03 5.13
CA TYR A 323 -17.80 -3.12 4.65
C TYR A 323 -17.48 -2.48 3.31
N VAL A 324 -16.22 -2.24 2.99
CA VAL A 324 -15.89 -1.73 1.66
C VAL A 324 -15.90 -2.84 0.64
N PHE A 325 -15.20 -3.95 0.94
CA PHE A 325 -15.04 -5.01 -0.07
C PHE A 325 -16.05 -6.14 0.09
N ASP A 326 -17.02 -6.01 1.01
CA ASP A 326 -18.10 -6.99 1.14
C ASP A 326 -17.52 -8.40 1.34
N ILE A 327 -16.44 -8.49 2.10
CA ILE A 327 -15.76 -9.76 2.29
C ILE A 327 -16.57 -10.63 3.23
N HIS A 328 -16.85 -11.85 2.80
CA HIS A 328 -17.42 -12.92 3.60
C HIS A 328 -16.41 -14.07 3.69
N PRO A 329 -16.51 -14.91 4.73
CA PRO A 329 -15.47 -15.95 4.92
C PRO A 329 -15.26 -16.86 3.72
N ALA A 330 -16.30 -17.17 2.94
CA ALA A 330 -16.11 -18.06 1.80
C ALA A 330 -15.50 -17.36 0.58
N ASP A 331 -15.24 -16.06 0.65
CA ASP A 331 -14.79 -15.33 -0.53
C ASP A 331 -13.34 -15.70 -0.88
N ARG A 332 -13.00 -15.45 -2.14
CA ARG A 332 -11.62 -15.56 -2.63
C ARG A 332 -11.17 -14.17 -3.05
N PHE A 333 -10.47 -13.48 -2.16
CA PHE A 333 -10.07 -12.09 -2.35
C PHE A 333 -8.71 -11.98 -3.04
N PHE A 334 -8.61 -11.12 -4.07
CA PHE A 334 -7.39 -11.00 -4.88
C PHE A 334 -7.03 -9.52 -4.99
N CYS A 335 -6.08 -9.09 -4.16
CA CYS A 335 -5.46 -7.78 -4.30
C CYS A 335 -4.21 -7.89 -5.18
N GLY A 336 -4.15 -7.06 -6.23
CA GLY A 336 -3.00 -7.11 -7.12
C GLY A 336 -1.78 -6.34 -6.68
N GLY A 337 -1.76 -5.83 -5.45
CA GLY A 337 -0.69 -4.97 -5.00
C GLY A 337 0.42 -5.72 -4.28
N ASP A 338 1.62 -5.17 -4.34
CA ASP A 338 2.79 -5.84 -3.80
C ASP A 338 2.84 -5.73 -2.28
N VAL A 339 3.29 -6.80 -1.62
CA VAL A 339 3.48 -6.77 -0.17
C VAL A 339 4.41 -5.64 0.25
N GLY A 340 5.26 -5.14 -0.66
CA GLY A 340 6.14 -4.03 -0.38
C GLY A 340 5.44 -2.71 -0.11
N TRP A 341 4.14 -2.61 -0.41
CA TRP A 341 3.38 -1.37 -0.25
C TRP A 341 2.23 -1.58 0.74
N ILE A 342 1.60 -0.47 1.11
CA ILE A 342 0.55 -0.54 2.14
C ILE A 342 -0.65 -1.32 1.61
N THR A 343 -0.94 -1.23 0.30
CA THR A 343 -2.03 -2.02 -0.27
CA THR A 343 -2.04 -2.01 -0.25
C THR A 343 -1.79 -3.51 -0.05
N GLY A 344 -0.58 -3.97 -0.33
CA GLY A 344 -0.25 -5.35 -0.04
C GLY A 344 -0.34 -5.67 1.45
N HIS A 345 0.15 -4.78 2.31
CA HIS A 345 0.04 -5.01 3.76
C HIS A 345 -1.43 -5.18 4.17
N THR A 346 -2.27 -4.21 3.83
CA THR A 346 -3.60 -4.21 4.43
C THR A 346 -4.54 -5.18 3.72
N TYR A 347 -4.42 -5.32 2.39
CA TYR A 347 -5.44 -6.06 1.67
C TYR A 347 -4.97 -7.35 1.00
N VAL A 348 -3.67 -7.55 0.82
CA VAL A 348 -3.25 -8.92 0.52
C VAL A 348 -3.19 -9.74 1.80
N VAL A 349 -2.69 -9.15 2.89
CA VAL A 349 -2.43 -9.92 4.10
C VAL A 349 -3.50 -9.72 5.17
N TYR A 350 -3.49 -8.54 5.84
CA TYR A 350 -4.19 -8.44 7.11
C TYR A 350 -5.71 -8.51 6.97
N ALA A 351 -6.33 -7.68 6.13
CA ALA A 351 -7.80 -7.69 6.06
C ALA A 351 -8.38 -9.05 5.71
N PRO A 352 -7.99 -9.72 4.62
CA PRO A 352 -8.68 -10.98 4.30
C PRO A 352 -8.46 -12.07 5.33
N LEU A 353 -7.24 -12.16 5.86
CA LEU A 353 -6.93 -13.19 6.85
C LEU A 353 -7.62 -12.92 8.17
N LEU A 354 -7.65 -11.65 8.61
CA LEU A 354 -8.47 -11.28 9.76
C LEU A 354 -9.92 -11.76 9.62
N LEU A 355 -10.51 -11.56 8.44
CA LEU A 355 -11.90 -11.92 8.22
C LEU A 355 -12.08 -13.41 7.92
N GLY A 356 -10.97 -14.14 7.76
CA GLY A 356 -11.03 -15.57 7.58
C GLY A 356 -11.40 -16.04 6.19
N CYS A 357 -11.17 -15.25 5.15
CA CYS A 357 -11.47 -15.74 3.82
C CYS A 357 -10.20 -16.28 3.17
N THR A 358 -10.22 -16.44 1.86
CA THR A 358 -9.03 -16.82 1.11
C THR A 358 -8.43 -15.58 0.45
N THR A 359 -7.10 -15.46 0.52
CA THR A 359 -6.40 -14.40 -0.19
C THR A 359 -5.46 -14.97 -1.24
N VAL A 360 -5.34 -14.27 -2.37
CA VAL A 360 -4.49 -14.68 -3.48
C VAL A 360 -3.16 -13.91 -3.42
N VAL A 361 -2.06 -14.65 -3.46
CA VAL A 361 -0.73 -14.08 -3.57
C VAL A 361 -0.27 -14.32 -4.99
N PHE A 362 -0.15 -13.25 -5.76
CA PHE A 362 0.14 -13.30 -7.19
C PHE A 362 1.57 -12.83 -7.41
N GLU A 363 2.43 -13.74 -7.89
CA GLU A 363 3.84 -13.50 -8.07
C GLU A 363 4.19 -12.78 -9.38
N SER A 364 3.29 -12.79 -10.36
CA SER A 364 3.67 -12.40 -11.71
C SER A 364 3.27 -10.95 -12.00
N THR A 365 3.15 -10.60 -13.28
CA THR A 365 2.68 -9.31 -13.75
C THR A 365 1.41 -9.52 -14.57
N PRO A 366 0.60 -8.47 -14.78
CA PRO A 366 -0.59 -8.62 -15.63
C PRO A 366 -0.29 -8.94 -17.09
N ALA A 367 0.98 -8.95 -17.48
CA ALA A 367 1.35 -9.16 -18.87
C ALA A 367 2.07 -10.49 -19.13
N TYR A 368 2.38 -11.27 -18.09
CA TYR A 368 3.14 -12.50 -18.31
C TYR A 368 2.30 -13.73 -17.95
N PRO A 369 2.25 -14.77 -18.80
CA PRO A 369 2.88 -14.91 -20.11
C PRO A 369 2.26 -14.02 -21.16
N ASN A 370 1.03 -13.57 -20.91
CA ASN A 370 0.31 -12.76 -21.87
C ASN A 370 -0.61 -11.83 -21.10
N PHE A 371 -1.37 -11.02 -21.85
CA PHE A 371 -2.19 -9.99 -21.25
C PHE A 371 -3.50 -10.51 -20.68
N SER A 372 -3.77 -11.81 -20.80
CA SER A 372 -4.94 -12.41 -20.18
C SER A 372 -4.71 -12.80 -18.73
N ARG A 373 -3.51 -12.55 -18.17
CA ARG A 373 -3.11 -13.23 -16.94
C ARG A 373 -4.07 -12.95 -15.79
N TYR A 374 -4.36 -11.67 -15.51
CA TYR A 374 -5.26 -11.35 -14.40
C TYR A 374 -6.55 -12.16 -14.49
N TRP A 375 -7.11 -12.26 -15.70
CA TRP A 375 -8.39 -12.93 -15.88
C TRP A 375 -8.24 -14.45 -15.84
N ASP A 376 -7.15 -15.01 -16.39
CA ASP A 376 -6.83 -16.42 -16.18
C ASP A 376 -6.88 -16.77 -14.69
N VAL A 377 -6.21 -15.96 -13.87
CA VAL A 377 -6.11 -16.22 -12.45
C VAL A 377 -7.47 -16.13 -11.78
N ILE A 378 -8.22 -15.07 -12.10
CA ILE A 378 -9.53 -14.82 -11.48
C ILE A 378 -10.50 -15.94 -11.84
N GLU A 379 -10.38 -16.47 -13.05
CA GLU A 379 -11.28 -17.54 -13.49
C GLU A 379 -10.89 -18.89 -12.87
N LYS A 380 -9.59 -19.20 -12.85
CA LYS A 380 -9.17 -20.50 -12.31
C LYS A 380 -9.54 -20.62 -10.84
N HIS A 381 -9.31 -19.57 -10.06
CA HIS A 381 -9.54 -19.60 -8.63
C HIS A 381 -10.90 -19.07 -8.21
N LYS A 382 -11.76 -18.67 -9.16
CA LYS A 382 -13.12 -18.22 -8.86
C LYS A 382 -13.11 -17.00 -7.93
N VAL A 383 -12.22 -16.05 -8.23
CA VAL A 383 -12.05 -14.88 -7.40
C VAL A 383 -13.34 -14.06 -7.34
N THR A 384 -13.68 -13.62 -6.13
CA THR A 384 -14.91 -12.86 -5.87
C THR A 384 -14.70 -11.35 -5.79
N GLN A 385 -13.52 -10.90 -5.35
CA GLN A 385 -13.19 -9.47 -5.32
C GLN A 385 -11.79 -9.29 -5.90
N PHE A 386 -11.64 -8.27 -6.74
CA PHE A 386 -10.37 -7.96 -7.37
C PHE A 386 -10.01 -6.50 -7.12
N TYR A 387 -8.74 -6.24 -6.81
CA TYR A 387 -8.24 -4.94 -6.38
C TYR A 387 -7.00 -4.59 -7.18
N VAL A 388 -7.06 -3.48 -7.94
CA VAL A 388 -6.14 -3.21 -9.05
C VAL A 388 -5.78 -1.73 -9.07
N ALA A 389 -4.70 -1.42 -9.80
CA ALA A 389 -4.31 -0.04 -10.02
C ALA A 389 -4.77 0.42 -11.39
N PRO A 390 -5.19 1.67 -11.54
CA PRO A 390 -5.58 2.15 -12.87
C PRO A 390 -4.46 2.03 -13.90
N THR A 391 -3.18 2.11 -13.49
CA THR A 391 -2.09 1.96 -14.45
C THR A 391 -2.13 0.59 -15.11
N ALA A 392 -2.34 -0.46 -14.32
CA ALA A 392 -2.53 -1.79 -14.87
C ALA A 392 -3.72 -1.84 -15.79
N LEU A 393 -4.81 -1.16 -15.42
CA LEU A 393 -5.99 -1.15 -16.30
C LEU A 393 -5.67 -0.46 -17.62
N ARG A 394 -5.06 0.72 -17.56
CA ARG A 394 -4.67 1.40 -18.80
C ARG A 394 -3.77 0.52 -19.66
N LEU A 395 -2.75 -0.08 -19.03
CA LEU A 395 -1.85 -0.98 -19.74
C LEU A 395 -2.62 -2.10 -20.44
N LEU A 396 -3.64 -2.63 -19.77
CA LEU A 396 -4.42 -3.73 -20.35
C LEU A 396 -5.38 -3.23 -21.42
N LYS A 397 -6.02 -2.08 -21.19
CA LYS A 397 -6.91 -1.52 -22.20
C LYS A 397 -6.14 -1.22 -23.48
N ARG A 398 -4.91 -0.72 -23.36
CA ARG A 398 -4.04 -0.51 -24.52
C ARG A 398 -3.72 -1.81 -25.25
N ALA A 399 -3.86 -2.95 -24.58
CA ALA A 399 -3.52 -4.22 -25.19
C ALA A 399 -4.63 -4.77 -26.07
N GLY A 400 -5.89 -4.39 -25.77
CA GLY A 400 -7.01 -4.82 -26.59
C GLY A 400 -7.98 -5.72 -25.86
N ASP A 401 -9.27 -5.58 -26.16
CA ASP A 401 -10.30 -6.37 -25.48
C ASP A 401 -10.27 -7.85 -25.85
N HIS A 402 -9.44 -8.29 -26.79
CA HIS A 402 -9.43 -9.71 -27.12
C HIS A 402 -8.71 -10.55 -26.09
N HIS A 403 -7.92 -9.93 -25.22
CA HIS A 403 -7.28 -10.68 -24.14
C HIS A 403 -8.24 -11.04 -23.02
N ILE A 404 -9.45 -10.48 -23.02
CA ILE A 404 -10.44 -10.75 -21.99
C ILE A 404 -11.56 -11.56 -22.63
N ASN A 405 -11.62 -12.84 -22.28
CA ASN A 405 -12.67 -13.73 -22.73
C ASN A 405 -12.77 -14.83 -21.68
N HIS A 406 -13.22 -14.41 -20.49
CA HIS A 406 -13.29 -15.27 -19.32
C HIS A 406 -14.63 -15.04 -18.65
N GLU A 407 -15.26 -16.13 -18.19
CA GLU A 407 -16.55 -16.01 -17.52
C GLU A 407 -16.43 -15.20 -16.22
N MET A 408 -15.55 -15.62 -15.31
CA MET A 408 -15.38 -15.00 -13.99
C MET A 408 -16.74 -14.76 -13.33
N LYS A 409 -17.43 -15.87 -13.05
CA LYS A 409 -18.82 -15.79 -12.63
C LYS A 409 -18.99 -15.19 -11.24
N ASP A 410 -18.02 -15.37 -10.36
CA ASP A 410 -18.13 -14.98 -8.97
C ASP A 410 -17.62 -13.57 -8.69
N LEU A 411 -17.08 -12.89 -9.69
CA LEU A 411 -16.43 -11.60 -9.50
C LEU A 411 -17.52 -10.52 -9.37
N ARG A 412 -17.70 -10.00 -8.15
CA ARG A 412 -18.76 -9.01 -7.91
C ARG A 412 -18.25 -7.66 -7.42
N ILE A 413 -17.00 -7.55 -6.99
CA ILE A 413 -16.41 -6.30 -6.54
C ILE A 413 -15.15 -6.03 -7.37
N LEU A 414 -15.09 -4.84 -7.97
CA LEU A 414 -13.92 -4.38 -8.71
C LEU A 414 -13.36 -3.17 -7.99
N GLY A 415 -12.25 -3.34 -7.28
CA GLY A 415 -11.63 -2.25 -6.55
C GLY A 415 -10.53 -1.55 -7.35
N SER A 416 -10.34 -0.26 -7.05
CA SER A 416 -9.32 0.55 -7.70
C SER A 416 -8.69 1.46 -6.67
N VAL A 417 -7.36 1.67 -6.78
CA VAL A 417 -6.63 2.46 -5.79
C VAL A 417 -5.46 3.18 -6.45
N GLY A 418 -5.09 4.35 -5.89
CA GLY A 418 -3.85 5.04 -6.19
C GLY A 418 -4.04 6.34 -6.90
N GLU A 419 -5.09 6.45 -7.70
CA GLU A 419 -5.45 7.62 -8.48
C GLU A 419 -6.89 7.45 -8.89
N PRO A 420 -7.58 8.52 -9.27
CA PRO A 420 -8.97 8.35 -9.68
C PRO A 420 -9.04 7.47 -10.93
N ILE A 421 -9.92 6.47 -10.90
CA ILE A 421 -10.19 5.70 -12.10
C ILE A 421 -11.16 6.53 -12.94
N ALA A 422 -10.66 7.03 -14.08
CA ALA A 422 -11.33 8.07 -14.83
C ALA A 422 -12.34 7.48 -15.81
N ALA A 423 -13.06 8.37 -16.50
CA ALA A 423 -14.20 8.00 -17.32
C ALA A 423 -13.89 6.83 -18.26
N GLU A 424 -12.94 7.03 -19.18
CA GLU A 424 -12.62 6.00 -20.18
C GLU A 424 -12.27 4.66 -19.53
N VAL A 425 -11.48 4.69 -18.45
CA VAL A 425 -11.09 3.46 -17.78
C VAL A 425 -12.22 2.91 -16.92
N TRP A 426 -12.90 3.79 -16.18
CA TRP A 426 -14.04 3.36 -15.38
C TRP A 426 -15.07 2.62 -16.23
N LYS A 427 -15.35 3.14 -17.44
CA LYS A 427 -16.29 2.47 -18.33
C LYS A 427 -15.75 1.13 -18.79
N TRP A 428 -14.47 1.07 -19.14
CA TRP A 428 -13.87 -0.16 -19.63
C TRP A 428 -13.76 -1.21 -18.52
N TYR A 429 -13.39 -0.78 -17.30
CA TYR A 429 -13.41 -1.67 -16.14
C TYR A 429 -14.83 -2.18 -15.88
N HIS A 430 -15.82 -1.30 -15.98
CA HIS A 430 -17.19 -1.65 -15.64
C HIS A 430 -17.83 -2.56 -16.68
N GLU A 431 -17.59 -2.26 -17.96
CA GLU A 431 -18.26 -2.98 -19.03
C GLU A 431 -17.47 -4.22 -19.47
N VAL A 432 -16.22 -4.03 -19.87
CA VAL A 432 -15.49 -5.13 -20.49
C VAL A 432 -15.05 -6.14 -19.45
N VAL A 433 -14.59 -5.67 -18.28
CA VAL A 433 -14.11 -6.60 -17.27
C VAL A 433 -15.26 -7.12 -16.41
N GLY A 434 -16.11 -6.21 -15.93
CA GLY A 434 -17.16 -6.57 -14.98
C GLY A 434 -18.48 -6.99 -15.60
N LYS A 435 -18.65 -6.83 -16.91
CA LYS A 435 -19.87 -7.25 -17.61
C LYS A 435 -21.11 -6.60 -17.00
N ARG A 436 -20.95 -5.41 -16.41
CA ARG A 436 -22.02 -4.66 -15.75
C ARG A 436 -22.64 -5.42 -14.60
N GLN A 437 -21.94 -6.42 -14.06
CA GLN A 437 -22.42 -7.18 -12.91
C GLN A 437 -21.70 -6.89 -11.61
N ALA A 438 -20.56 -6.19 -11.66
CA ALA A 438 -19.74 -5.93 -10.49
C ALA A 438 -19.80 -4.47 -10.09
N HIS A 439 -19.55 -4.19 -8.82
CA HIS A 439 -19.56 -2.84 -8.29
C HIS A 439 -18.13 -2.32 -8.25
N ILE A 440 -17.88 -1.19 -8.91
CA ILE A 440 -16.55 -0.59 -8.92
C ILE A 440 -16.42 0.31 -7.72
N VAL A 441 -15.40 0.05 -6.89
CA VAL A 441 -15.18 0.80 -5.66
C VAL A 441 -13.83 1.50 -5.76
N ASP A 442 -13.87 2.82 -5.94
CA ASP A 442 -12.66 3.63 -6.02
C ASP A 442 -12.29 4.04 -4.60
N THR A 443 -11.27 3.39 -4.03
CA THR A 443 -10.88 3.60 -2.65
C THR A 443 -9.75 4.61 -2.55
N TYR A 444 -10.00 5.73 -1.88
CA TYR A 444 -8.96 6.69 -1.57
C TYR A 444 -8.41 6.44 -0.16
N TRP A 445 -7.08 6.41 -0.03
CA TRP A 445 -6.38 6.32 1.25
C TRP A 445 -4.89 6.46 0.98
N GLN A 446 -4.09 6.31 2.04
CA GLN A 446 -2.64 6.45 1.96
C GLN A 446 -1.99 5.56 3.03
N THR A 447 -0.68 5.37 2.90
CA THR A 447 0.07 4.58 3.86
C THR A 447 -0.26 5.00 5.28
N GLU A 448 -0.35 6.32 5.52
CA GLU A 448 -0.55 6.87 6.85
C GLU A 448 -1.96 6.63 7.42
N THR A 449 -2.97 6.38 6.58
CA THR A 449 -4.31 6.12 7.11
C THR A 449 -4.55 4.65 7.41
N GLY A 450 -3.70 3.75 6.90
CA GLY A 450 -3.74 2.35 7.29
C GLY A 450 -4.75 1.52 6.51
N SER A 451 -5.90 2.11 6.24
CA SER A 451 -6.98 1.46 5.52
CA SER A 451 -7.00 1.46 5.54
C SER A 451 -7.79 2.53 4.80
N HIS A 452 -8.80 2.10 4.03
CA HIS A 452 -9.64 3.01 3.25
C HIS A 452 -10.21 4.13 4.11
N VAL A 453 -10.26 5.35 3.55
CA VAL A 453 -10.87 6.44 4.33
C VAL A 453 -11.96 7.17 3.56
N ILE A 454 -11.87 7.24 2.24
CA ILE A 454 -12.95 7.79 1.44
C ILE A 454 -13.18 6.82 0.29
N THR A 455 -14.38 6.24 0.24
CA THR A 455 -14.61 5.07 -0.60
C THR A 455 -16.11 4.75 -0.62
N PRO A 456 -16.63 4.25 -1.73
CA PRO A 456 -17.96 3.67 -1.68
C PRO A 456 -17.87 2.36 -0.90
N LEU A 457 -19.02 1.90 -0.42
CA LEU A 457 -19.08 0.60 0.23
C LEU A 457 -19.66 -0.38 -0.77
N GLY A 458 -18.90 -1.44 -1.06
CA GLY A 458 -19.28 -2.44 -2.04
C GLY A 458 -20.69 -2.95 -1.89
N GLY A 459 -21.47 -2.83 -2.96
CA GLY A 459 -22.84 -3.28 -2.96
C GLY A 459 -23.83 -2.35 -2.32
N ILE A 460 -23.39 -1.16 -1.89
CA ILE A 460 -24.26 -0.28 -1.11
C ILE A 460 -24.26 1.12 -1.70
N THR A 461 -23.08 1.72 -1.83
CA THR A 461 -23.00 3.15 -2.14
C THR A 461 -23.15 3.38 -3.64
N PRO A 462 -24.10 4.22 -4.08
CA PRO A 462 -24.09 4.66 -5.48
C PRO A 462 -22.81 5.42 -5.78
N THR A 463 -22.28 5.23 -6.98
CA THR A 463 -20.96 5.76 -7.33
C THR A 463 -21.07 6.80 -8.45
N LYS A 464 -19.98 7.53 -8.65
CA LYS A 464 -19.79 8.43 -9.77
C LYS A 464 -18.42 8.13 -10.36
N PRO A 465 -18.30 8.00 -11.69
CA PRO A 465 -16.99 7.80 -12.31
C PRO A 465 -16.05 8.96 -11.99
N GLY A 466 -14.83 8.62 -11.55
CA GLY A 466 -13.85 9.61 -11.17
C GLY A 466 -13.90 10.07 -9.73
N SER A 467 -14.89 9.63 -8.96
CA SER A 467 -15.08 10.08 -7.58
C SER A 467 -14.83 8.94 -6.61
N ALA A 468 -14.24 9.27 -5.45
CA ALA A 468 -14.11 8.31 -4.34
C ALA A 468 -15.36 8.21 -3.49
N SER A 469 -16.40 8.99 -3.83
CA SER A 469 -17.68 9.00 -3.14
CA SER A 469 -17.69 9.03 -3.15
C SER A 469 -17.59 9.59 -1.73
N LEU A 470 -17.84 8.78 -0.71
CA LEU A 470 -18.15 9.24 0.64
C LEU A 470 -17.18 8.71 1.70
N PRO A 471 -17.06 9.40 2.84
CA PRO A 471 -16.11 8.96 3.88
C PRO A 471 -16.50 7.62 4.48
N PHE A 472 -15.48 6.83 4.82
CA PHE A 472 -15.70 5.61 5.58
C PHE A 472 -16.08 5.96 7.01
N PHE A 473 -16.58 4.96 7.73
CA PHE A 473 -16.92 5.13 9.14
C PHE A 473 -15.74 5.73 9.90
N GLY A 474 -16.05 6.70 10.77
CA GLY A 474 -15.05 7.33 11.61
C GLY A 474 -14.21 8.39 10.93
N ILE A 475 -14.44 8.65 9.65
CA ILE A 475 -13.63 9.59 8.89
C ILE A 475 -14.45 10.85 8.69
N ASP A 476 -13.95 11.98 9.20
CA ASP A 476 -14.67 13.25 9.18
C ASP A 476 -13.88 14.22 8.32
N PRO A 477 -14.09 14.23 7.01
CA PRO A 477 -13.26 15.07 6.13
C PRO A 477 -13.76 16.50 6.05
N VAL A 478 -12.80 17.40 5.88
CA VAL A 478 -13.07 18.82 5.71
C VAL A 478 -12.23 19.31 4.54
N ILE A 479 -12.68 20.41 3.94
CA ILE A 479 -11.98 21.08 2.86
C ILE A 479 -11.45 22.39 3.45
N LEU A 480 -10.14 22.59 3.38
CA LEU A 480 -9.49 23.76 3.95
C LEU A 480 -9.00 24.70 2.87
N ASP A 481 -9.16 26.01 3.10
CA ASP A 481 -8.54 26.98 2.23
C ASP A 481 -7.03 26.80 2.29
N PRO A 482 -6.35 26.60 1.16
CA PRO A 482 -4.92 26.25 1.19
C PRO A 482 -4.05 27.26 1.95
N VAL A 483 -4.32 28.56 1.82
CA VAL A 483 -3.45 29.56 2.43
C VAL A 483 -3.91 29.93 3.84
N THR A 484 -5.15 30.39 3.98
CA THR A 484 -5.65 30.76 5.31
C THR A 484 -5.81 29.56 6.23
N GLY A 485 -5.93 28.35 5.68
CA GLY A 485 -6.18 27.19 6.51
C GLY A 485 -7.59 27.12 7.07
N ALA A 486 -8.47 28.03 6.67
CA ALA A 486 -9.83 28.06 7.18
C ALA A 486 -10.66 26.94 6.55
N GLU A 487 -11.51 26.35 7.35
CA GLU A 487 -12.46 25.36 6.85
C GLU A 487 -13.47 26.03 5.92
N ILE A 488 -13.78 25.36 4.82
CA ILE A 488 -14.74 25.89 3.85
C ILE A 488 -16.02 25.05 3.98
N PRO A 489 -17.10 25.63 4.46
CA PRO A 489 -18.29 24.83 4.79
C PRO A 489 -19.16 24.55 3.56
N GLY A 490 -19.97 23.50 3.69
CA GLY A 490 -20.99 23.22 2.69
C GLY A 490 -20.49 22.42 1.52
N ASN A 491 -21.34 22.34 0.50
CA ASN A 491 -21.06 21.56 -0.69
C ASN A 491 -20.65 22.47 -1.85
N ASP A 492 -20.11 21.85 -2.90
CA ASP A 492 -19.48 22.53 -4.03
C ASP A 492 -18.36 23.46 -3.57
N VAL A 493 -17.36 22.87 -2.93
CA VAL A 493 -16.20 23.58 -2.43
C VAL A 493 -14.95 22.82 -2.84
N GLU A 494 -13.81 23.52 -2.81
CA GLU A 494 -12.55 22.90 -3.19
C GLU A 494 -11.42 23.47 -2.36
N GLY A 495 -10.35 22.70 -2.21
CA GLY A 495 -9.20 23.10 -1.41
C GLY A 495 -8.37 21.92 -0.92
N ILE A 496 -7.86 22.04 0.31
CA ILE A 496 -7.01 21.02 0.94
C ILE A 496 -7.90 19.99 1.62
N LEU A 497 -7.57 18.71 1.44
CA LEU A 497 -8.28 17.64 2.12
C LEU A 497 -7.67 17.38 3.49
N ALA A 498 -8.49 17.48 4.54
CA ALA A 498 -8.02 17.19 5.88
C ALA A 498 -9.09 16.40 6.62
N PHE A 499 -8.67 15.71 7.66
CA PHE A 499 -9.61 15.01 8.54
C PHE A 499 -9.68 15.72 9.88
N ARG A 500 -10.89 15.80 10.43
CA ARG A 500 -11.15 16.56 11.64
C ARG A 500 -10.98 15.74 12.91
N LYS A 501 -10.98 14.41 12.81
CA LYS A 501 -10.98 13.55 13.98
C LYS A 501 -10.01 12.39 13.78
N PRO A 502 -9.45 11.86 14.86
CA PRO A 502 -8.58 10.68 14.72
C PRO A 502 -9.41 9.47 14.32
N TRP A 503 -8.74 8.44 13.82
CA TRP A 503 -9.41 7.21 13.44
C TRP A 503 -8.52 6.04 13.84
N PRO A 504 -9.10 4.84 13.99
CA PRO A 504 -8.37 3.75 14.66
C PRO A 504 -7.08 3.34 13.97
N SER A 505 -7.04 3.31 12.64
CA SER A 505 -5.87 2.79 11.96
C SER A 505 -4.90 3.89 11.52
N MET A 506 -5.00 5.09 12.10
CA MET A 506 -4.07 6.15 11.72
C MET A 506 -2.64 5.77 12.12
N ALA A 507 -1.67 6.11 11.27
CA ALA A 507 -0.28 5.93 11.67
C ALA A 507 -0.02 6.64 12.99
N ARG A 508 0.81 6.04 13.84
CA ARG A 508 1.02 6.61 15.17
C ARG A 508 2.29 7.45 15.29
N THR A 509 3.32 7.19 14.49
CA THR A 509 4.51 8.04 14.52
C THR A 509 5.30 7.80 13.24
N VAL A 510 6.40 8.55 13.11
CA VAL A 510 7.46 8.25 12.17
C VAL A 510 8.61 7.71 13.00
N TRP A 511 9.09 6.52 12.64
CA TRP A 511 10.07 5.80 13.46
C TRP A 511 11.27 6.68 13.80
N GLY A 512 11.51 6.85 15.09
CA GLY A 512 12.66 7.63 15.51
C GLY A 512 12.52 9.13 15.36
N ASP A 513 11.37 9.63 14.91
CA ASP A 513 11.28 11.07 14.66
C ASP A 513 9.81 11.49 14.81
N HIS A 514 9.31 11.46 16.04
CA HIS A 514 7.93 11.89 16.27
C HIS A 514 7.74 13.37 15.92
N LYS A 515 8.75 14.20 16.15
CA LYS A 515 8.63 15.60 15.79
CA LYS A 515 8.64 15.62 15.78
C LYS A 515 8.35 15.77 14.29
N ARG A 516 8.99 14.96 13.45
CA ARG A 516 8.71 15.03 12.03
C ARG A 516 7.28 14.59 11.74
N TYR A 517 6.83 13.53 12.40
CA TYR A 517 5.44 13.12 12.30
C TYR A 517 4.49 14.28 12.60
N MET A 518 4.70 14.92 13.75
CA MET A 518 3.89 16.08 14.14
C MET A 518 3.95 17.17 13.07
N ASP A 519 5.15 17.55 12.67
CA ASP A 519 5.29 18.67 11.74
C ASP A 519 4.69 18.36 10.38
N THR A 520 4.74 17.09 9.96
CA THR A 520 4.28 16.75 8.62
C THR A 520 2.77 16.66 8.54
N TYR A 521 2.15 16.04 9.54
CA TYR A 521 0.74 15.67 9.47
C TYR A 521 -0.17 16.49 10.36
N LEU A 522 0.32 16.97 11.50
CA LEU A 522 -0.56 17.48 12.54
C LEU A 522 -0.33 18.94 12.90
N ASN A 523 0.84 19.51 12.62
CA ASN A 523 1.12 20.91 12.95
C ASN A 523 0.86 21.86 11.79
N VAL A 524 0.60 21.33 10.59
CA VAL A 524 0.34 22.19 9.44
C VAL A 524 -0.95 22.96 9.64
N TYR A 525 -2.03 22.23 9.89
CA TYR A 525 -3.35 22.78 10.18
C TYR A 525 -3.74 22.20 11.53
N LYS A 526 -3.46 22.93 12.60
CA LYS A 526 -3.59 22.37 13.94
C LYS A 526 -5.04 22.05 14.27
N GLY A 527 -5.27 20.86 14.83
CA GLY A 527 -6.60 20.33 15.00
C GLY A 527 -7.08 19.46 13.86
N PHE A 528 -6.33 19.37 12.77
CA PHE A 528 -6.68 18.52 11.63
C PHE A 528 -5.52 17.60 11.31
N TYR A 529 -5.84 16.58 10.52
CA TYR A 529 -4.84 15.71 9.92
C TYR A 529 -4.72 16.10 8.45
N PHE A 530 -3.49 16.40 8.01
CA PHE A 530 -3.23 16.92 6.68
C PHE A 530 -2.90 15.78 5.72
N THR A 531 -3.72 15.59 4.69
CA THR A 531 -3.51 14.46 3.78
C THR A 531 -2.42 14.71 2.74
N GLY A 532 -2.02 15.96 2.52
CA GLY A 532 -1.16 16.27 1.38
C GLY A 532 -1.86 16.28 0.04
N ASP A 533 -3.17 16.06 0.02
CA ASP A 533 -3.97 15.99 -1.20
C ASP A 533 -4.95 17.15 -1.27
N GLY A 534 -5.20 17.62 -2.51
CA GLY A 534 -6.29 18.54 -2.76
C GLY A 534 -7.55 17.79 -3.15
N ALA A 535 -8.70 18.43 -2.93
CA ALA A 535 -9.97 17.72 -3.14
C ALA A 535 -11.10 18.70 -3.39
N GLY A 536 -12.15 18.21 -4.04
CA GLY A 536 -13.41 18.91 -4.14
C GLY A 536 -14.54 18.07 -3.59
N ARG A 537 -15.51 18.73 -2.98
CA ARG A 537 -16.74 18.10 -2.48
C ARG A 537 -17.90 18.67 -3.26
N ASP A 538 -18.57 17.83 -4.05
CA ASP A 538 -19.52 18.33 -5.03
C ASP A 538 -20.87 18.64 -4.38
N HIS A 539 -21.86 18.97 -5.21
CA HIS A 539 -23.18 19.35 -4.72
C HIS A 539 -23.84 18.24 -3.90
N GLU A 540 -23.56 16.98 -4.21
CA GLU A 540 -24.11 15.86 -3.46
C GLU A 540 -23.25 15.47 -2.25
N GLY A 541 -22.13 16.15 -2.02
CA GLY A 541 -21.23 15.77 -0.97
C GLY A 541 -20.23 14.69 -1.33
N TYR A 542 -20.17 14.31 -2.61
CA TYR A 542 -19.20 13.32 -3.06
C TYR A 542 -17.83 13.96 -3.20
N TYR A 543 -16.77 13.22 -2.87
CA TYR A 543 -15.41 13.73 -2.90
C TYR A 543 -14.72 13.42 -4.22
N TRP A 544 -13.93 14.38 -4.70
CA TRP A 544 -13.16 14.27 -5.94
C TRP A 544 -11.71 14.58 -5.63
N ILE A 545 -10.86 13.55 -5.63
CA ILE A 545 -9.47 13.70 -5.19
C ILE A 545 -8.66 14.34 -6.31
N ARG A 546 -8.03 15.47 -6.01
CA ARG A 546 -7.29 16.22 -7.02
C ARG A 546 -5.82 15.82 -7.09
N GLY A 547 -5.28 15.19 -6.07
CA GLY A 547 -3.89 14.75 -6.07
C GLY A 547 -3.03 15.59 -5.16
N ARG A 548 -1.75 15.21 -5.10
CA ARG A 548 -0.82 15.75 -4.12
C ARG A 548 -0.58 17.24 -4.35
N VAL A 549 -0.62 18.01 -3.25
CA VAL A 549 -0.28 19.42 -3.30
C VAL A 549 1.18 19.66 -2.95
N ASP A 550 1.93 18.62 -2.63
CA ASP A 550 3.34 18.73 -2.31
C ASP A 550 4.17 18.09 -3.42
N ASP A 551 5.45 17.89 -3.15
CA ASP A 551 6.38 17.40 -4.19
C ASP A 551 6.44 15.88 -4.21
N VAL A 552 5.27 15.26 -4.15
CA VAL A 552 5.12 13.81 -4.25
C VAL A 552 4.39 13.53 -5.55
N VAL A 553 4.91 12.59 -6.33
CA VAL A 553 4.32 12.23 -7.61
C VAL A 553 3.98 10.75 -7.58
N ASN A 554 2.95 10.37 -8.31
CA ASN A 554 2.48 8.99 -8.33
C ASN A 554 2.69 8.45 -9.74
N VAL A 555 3.65 7.54 -9.87
CA VAL A 555 4.08 6.98 -11.15
C VAL A 555 3.82 5.49 -11.11
N SER A 556 2.96 5.00 -12.01
CA SER A 556 2.56 3.58 -12.04
C SER A 556 2.10 3.11 -10.67
N GLY A 557 1.36 3.97 -9.97
CA GLY A 557 0.89 3.67 -8.64
C GLY A 557 1.96 3.71 -7.56
N HIS A 558 3.19 4.12 -7.88
CA HIS A 558 4.28 4.18 -6.93
C HIS A 558 4.45 5.60 -6.43
N ARG A 559 4.44 5.77 -5.11
CA ARG A 559 4.55 7.08 -4.47
C ARG A 559 6.03 7.46 -4.42
N LEU A 560 6.40 8.47 -5.20
CA LEU A 560 7.78 8.88 -5.37
C LEU A 560 7.97 10.31 -4.89
N SER A 561 9.10 10.57 -4.25
CA SER A 561 9.52 11.90 -3.86
C SER A 561 10.44 12.48 -4.94
N THR A 562 10.10 13.66 -5.45
CA THR A 562 11.00 14.30 -6.40
C THR A 562 12.31 14.73 -5.72
N ALA A 563 12.25 15.11 -4.44
CA ALA A 563 13.47 15.50 -3.73
C ALA A 563 14.44 14.33 -3.61
N GLU A 564 13.91 13.11 -3.40
CA GLU A 564 14.78 11.94 -3.34
C GLU A 564 15.46 11.71 -4.68
N ILE A 565 14.74 11.89 -5.78
CA ILE A 565 15.33 11.65 -7.10
C ILE A 565 16.34 12.72 -7.42
N GLU A 566 16.07 13.98 -7.00
CA GLU A 566 17.06 15.03 -7.16
C GLU A 566 18.32 14.71 -6.37
N ALA A 567 18.16 14.22 -5.14
CA ALA A 567 19.31 13.85 -4.32
C ALA A 567 20.11 12.74 -4.98
N ALA A 568 19.42 11.80 -5.63
CA ALA A 568 20.12 10.71 -6.32
C ALA A 568 20.92 11.24 -7.49
N LEU A 569 20.33 12.13 -8.29
CA LEU A 569 21.05 12.68 -9.44
C LEU A 569 22.29 13.45 -9.02
N ILE A 570 22.20 14.20 -7.92
CA ILE A 570 23.35 14.95 -7.43
C ILE A 570 24.47 14.00 -6.98
N GLU A 571 24.16 12.75 -6.66
CA GLU A 571 25.21 11.79 -6.36
C GLU A 571 26.15 11.58 -7.53
N HIS A 572 25.77 11.97 -8.74
CA HIS A 572 26.65 11.85 -9.88
C HIS A 572 27.72 12.93 -9.85
N HIS A 573 28.96 12.55 -10.20
CA HIS A 573 30.10 13.44 -10.06
C HIS A 573 30.03 14.64 -11.00
N CYS A 574 29.25 14.56 -12.07
CA CYS A 574 29.14 15.65 -13.04
C CYS A 574 27.96 16.56 -12.80
N VAL A 575 27.12 16.28 -11.82
CA VAL A 575 25.87 17.01 -11.59
C VAL A 575 26.05 18.00 -10.46
N ALA A 576 25.67 19.26 -10.71
CA ALA A 576 25.72 20.31 -9.70
C ALA A 576 24.36 20.56 -9.06
N GLU A 577 23.35 20.87 -9.85
CA GLU A 577 21.99 21.04 -9.39
C GLU A 577 21.05 20.10 -10.13
N ALA A 578 19.94 19.77 -9.48
CA ALA A 578 18.95 18.86 -10.05
C ALA A 578 17.55 19.35 -9.72
N ALA A 579 16.63 19.18 -10.67
CA ALA A 579 15.23 19.52 -10.49
C ALA A 579 14.39 18.46 -11.17
N VAL A 580 13.50 17.82 -10.39
CA VAL A 580 12.62 16.74 -10.86
C VAL A 580 11.18 17.17 -10.67
N VAL A 581 10.35 16.93 -11.68
CA VAL A 581 8.94 17.30 -11.63
C VAL A 581 8.12 16.15 -12.21
N GLY A 582 6.83 16.15 -11.88
CA GLY A 582 5.89 15.18 -12.41
C GLY A 582 5.05 15.79 -13.53
N VAL A 583 4.94 15.06 -14.62
CA VAL A 583 4.17 15.50 -15.78
C VAL A 583 3.12 14.43 -16.11
N PRO A 584 1.93 14.81 -16.58
CA PRO A 584 0.92 13.81 -16.90
C PRO A 584 1.42 12.79 -17.92
N ASP A 585 0.93 11.54 -17.77
CA ASP A 585 1.37 10.46 -18.64
C ASP A 585 0.16 9.59 -18.99
N PRO A 586 -0.04 9.28 -20.27
CA PRO A 586 -1.24 8.53 -20.68
C PRO A 586 -1.30 7.12 -20.10
N LEU A 587 -0.15 6.52 -19.80
CA LEU A 587 -0.11 5.16 -19.27
C LEU A 587 0.11 5.13 -17.76
N THR A 588 1.11 5.85 -17.26
CA THR A 588 1.52 5.75 -15.86
C THR A 588 0.92 6.84 -14.97
N GLY A 589 -0.01 7.65 -15.49
CA GLY A 589 -0.64 8.69 -14.71
C GLY A 589 0.20 9.95 -14.69
N GLN A 590 1.33 9.87 -13.99
CA GLN A 590 2.38 10.87 -14.07
C GLN A 590 3.69 10.19 -14.46
N ALA A 591 4.60 11.00 -14.99
CA ALA A 591 5.96 10.56 -15.33
C ALA A 591 6.94 11.61 -14.84
N VAL A 592 8.04 11.15 -14.26
CA VAL A 592 9.04 12.05 -13.68
C VAL A 592 10.04 12.45 -14.76
N HIS A 593 10.20 13.74 -14.96
CA HIS A 593 11.22 14.29 -15.84
C HIS A 593 12.22 15.07 -15.00
N ALA A 594 13.50 14.89 -15.29
CA ALA A 594 14.57 15.48 -14.52
C ALA A 594 15.31 16.54 -15.34
N PHE A 595 15.65 17.65 -14.68
CA PHE A 595 16.51 18.68 -15.24
C PHE A 595 17.78 18.72 -14.41
N VAL A 596 18.93 18.73 -15.09
CA VAL A 596 20.23 18.68 -14.43
C VAL A 596 21.12 19.78 -14.99
N ALA A 597 21.76 20.54 -14.10
CA ALA A 597 22.84 21.44 -14.47
C ALA A 597 24.16 20.79 -14.06
N LEU A 598 25.16 20.93 -14.93
CA LEU A 598 26.41 20.20 -14.79
C LEU A 598 27.47 21.06 -14.10
N LYS A 599 28.48 20.39 -13.56
CA LYS A 599 29.47 21.08 -12.73
C LYS A 599 30.56 21.75 -13.57
N SER A 600 31.12 21.02 -14.53
CA SER A 600 32.25 21.54 -15.31
C SER A 600 32.07 21.45 -16.81
N GLY A 601 31.20 20.58 -17.31
CA GLY A 601 31.05 20.43 -18.74
C GLY A 601 31.73 19.19 -19.27
N ASN A 602 30.93 18.21 -19.69
CA ASN A 602 31.42 16.98 -20.29
C ASN A 602 31.12 16.98 -21.78
N ASP A 603 31.95 16.27 -22.54
CA ASP A 603 31.83 16.20 -23.98
C ASP A 603 31.12 14.94 -24.45
N ASN A 604 30.18 14.45 -23.64
CA ASN A 604 29.58 13.13 -23.84
C ASN A 604 28.12 13.17 -23.40
N ARG A 605 27.40 14.21 -23.81
CA ARG A 605 26.07 14.48 -23.26
C ARG A 605 25.12 13.31 -23.47
N GLU A 606 25.17 12.68 -24.64
CA GLU A 606 24.33 11.50 -24.88
C GLU A 606 24.69 10.39 -23.91
N GLN A 607 25.98 10.13 -23.71
CA GLN A 607 26.39 9.12 -22.74
C GLN A 607 26.12 9.55 -21.32
N LEU A 608 26.26 10.85 -21.03
CA LEU A 608 26.00 11.31 -19.67
C LEU A 608 24.57 11.04 -19.25
N GLN A 609 23.62 11.19 -20.19
CA GLN A 609 22.21 10.93 -19.86
C GLN A 609 22.02 9.50 -19.38
N LYS A 610 22.70 8.54 -20.02
CA LYS A 610 22.56 7.14 -19.62
C LYS A 610 23.12 6.92 -18.21
N GLU A 611 24.25 7.56 -17.89
CA GLU A 611 24.82 7.43 -16.55
C GLU A 611 23.94 8.10 -15.50
N LEU A 612 23.22 9.16 -15.89
CA LEU A 612 22.28 9.79 -14.96
C LEU A 612 21.10 8.86 -14.68
N ILE A 613 20.51 8.28 -15.72
CA ILE A 613 19.42 7.32 -15.54
C ILE A 613 19.87 6.17 -14.64
N MET A 614 21.06 5.64 -14.91
CA MET A 614 21.59 4.55 -14.09
C MET A 614 21.79 4.97 -12.64
N GLN A 615 22.16 6.23 -12.43
CA GLN A 615 22.39 6.71 -11.06
C GLN A 615 21.12 6.60 -10.22
N VAL A 616 19.97 6.97 -10.80
CA VAL A 616 18.71 6.88 -10.07
C VAL A 616 18.33 5.41 -9.88
N ARG A 617 18.52 4.59 -10.91
CA ARG A 617 18.27 3.16 -10.77
CA ARG A 617 18.27 3.16 -10.77
C ARG A 617 19.12 2.56 -9.66
N LYS A 618 20.34 3.07 -9.46
CA LYS A 618 21.23 2.53 -8.44
C LYS A 618 20.91 3.09 -7.06
N SER A 619 20.59 4.38 -6.99
CA SER A 619 20.39 5.01 -5.68
C SER A 619 19.04 4.65 -5.09
N ILE A 620 18.00 4.56 -5.92
CA ILE A 620 16.64 4.27 -5.46
C ILE A 620 16.18 2.90 -5.94
N GLY A 621 16.21 2.69 -7.25
CA GLY A 621 15.72 1.45 -7.83
C GLY A 621 15.18 1.73 -9.22
N PRO A 622 15.23 0.72 -10.09
CA PRO A 622 14.73 0.90 -11.47
C PRO A 622 13.39 1.63 -11.58
N PHE A 623 12.43 1.28 -10.71
CA PHE A 623 11.08 1.80 -10.78
C PHE A 623 10.99 3.31 -10.55
N ALA A 624 12.03 3.91 -9.97
CA ALA A 624 12.04 5.34 -9.71
C ALA A 624 12.77 6.14 -10.78
N ALA A 625 13.25 5.47 -11.83
CA ALA A 625 14.08 6.15 -12.82
C ALA A 625 13.29 7.21 -13.57
N PRO A 626 13.89 8.38 -13.82
CA PRO A 626 13.21 9.36 -14.67
C PRO A 626 13.16 8.89 -16.10
N LYS A 627 12.07 9.28 -16.79
CA LYS A 627 11.92 8.95 -18.20
C LYS A 627 12.99 9.65 -19.03
N VAL A 628 13.21 10.94 -18.77
CA VAL A 628 14.22 11.73 -19.47
C VAL A 628 14.99 12.57 -18.45
N VAL A 629 16.25 12.83 -18.76
CA VAL A 629 17.10 13.70 -17.96
C VAL A 629 17.59 14.81 -18.87
N PHE A 630 17.09 16.02 -18.65
CA PHE A 630 17.46 17.17 -19.46
C PHE A 630 18.66 17.88 -18.84
N VAL A 631 19.49 18.44 -19.70
CA VAL A 631 20.69 19.17 -19.29
C VAL A 631 20.52 20.61 -19.72
N ILE A 632 20.60 21.53 -18.75
CA ILE A 632 20.50 22.96 -19.01
C ILE A 632 21.72 23.65 -18.41
N ASP A 633 21.94 24.88 -18.84
CA ASP A 633 23.06 25.66 -18.30
C ASP A 633 22.79 26.05 -16.85
N ASP A 634 21.58 26.55 -16.57
CA ASP A 634 21.18 26.93 -15.23
C ASP A 634 19.71 26.59 -15.06
N LEU A 635 19.23 26.69 -13.82
CA LEU A 635 17.85 26.36 -13.49
C LEU A 635 17.12 27.58 -12.95
N PRO A 636 15.80 27.67 -13.16
CA PRO A 636 15.00 28.79 -12.63
C PRO A 636 14.93 28.80 -11.10
N LYS A 642 14.96 30.08 -4.38
CA LYS A 642 14.42 28.73 -4.53
C LYS A 642 14.23 28.38 -6.00
N ILE A 643 13.99 27.11 -6.27
CA ILE A 643 13.82 26.61 -7.64
C ILE A 643 12.34 26.70 -8.00
N MET A 644 12.05 27.26 -9.18
CA MET A 644 10.68 27.42 -9.64
C MET A 644 10.27 26.17 -10.41
N ARG A 645 9.95 25.12 -9.66
CA ARG A 645 9.49 23.87 -10.28
C ARG A 645 8.19 24.07 -11.03
N ARG A 646 7.34 25.00 -10.58
CA ARG A 646 6.06 25.24 -11.26
C ARG A 646 6.28 25.67 -12.71
N ILE A 647 7.37 26.39 -12.98
CA ILE A 647 7.66 26.79 -14.37
C ILE A 647 8.05 25.58 -15.20
N LEU A 648 8.69 24.57 -14.58
CA LEU A 648 9.09 23.37 -15.30
C LEU A 648 7.89 22.47 -15.57
N ARG A 649 6.98 22.34 -14.59
CA ARG A 649 5.83 21.46 -14.76
C ARG A 649 4.88 21.97 -15.84
N LYS A 650 4.76 23.28 -16.00
CA LYS A 650 3.87 23.83 -17.01
C LYS A 650 4.49 23.75 -18.40
N ILE A 651 5.80 23.98 -18.51
CA ILE A 651 6.45 24.00 -19.82
C ILE A 651 6.40 22.62 -20.47
N LEU A 652 6.49 21.57 -19.65
CA LEU A 652 6.31 20.21 -20.15
C LEU A 652 4.83 19.88 -20.22
N ILE A 674 16.60 32.97 -19.19
CA ILE A 674 16.80 31.56 -19.48
C ILE A 674 15.46 30.81 -19.51
N ILE A 675 14.38 31.51 -19.15
CA ILE A 675 13.05 30.93 -19.31
C ILE A 675 12.74 30.72 -20.78
N ASP A 676 13.17 31.66 -21.64
CA ASP A 676 13.04 31.47 -23.07
C ASP A 676 13.94 30.33 -23.57
N THR A 677 15.07 30.09 -22.88
CA THR A 677 16.02 29.09 -23.33
C THR A 677 15.56 27.68 -23.02
N PHE A 678 14.91 27.47 -21.86
CA PHE A 678 14.41 26.14 -21.54
C PHE A 678 13.23 25.75 -22.42
N HIS A 679 12.43 26.72 -22.86
CA HIS A 679 11.35 26.43 -23.79
C HIS A 679 11.89 25.91 -25.12
N GLU A 680 12.97 26.52 -25.61
CA GLU A 680 13.65 25.99 -26.80
C GLU A 680 14.33 24.67 -26.50
N TRP A 681 14.96 24.56 -25.32
CA TRP A 681 15.62 23.31 -24.95
C TRP A 681 14.62 22.16 -24.88
N LYS A 682 13.44 22.42 -24.33
CA LYS A 682 12.39 21.40 -24.33
C LYS A 682 11.89 21.13 -25.74
N LYS A 683 11.63 22.19 -26.52
CA LYS A 683 11.23 22.03 -27.91
C LYS A 683 12.41 21.54 -28.75
N ALA A 684 12.88 20.32 -28.46
CA ALA A 684 13.98 19.72 -29.21
C ALA A 684 13.96 18.20 -29.08
N1A COA B . 10.04 -6.24 -8.19
C2A COA B . 11.14 -5.87 -8.82
N3A COA B . 11.14 -4.93 -9.77
C4A COA B . 9.99 -4.34 -10.14
C5A COA B . 8.82 -4.69 -9.51
C6A COA B . 8.87 -5.68 -8.51
N6A COA B . 7.67 -6.08 -7.82
N7A COA B . 7.82 -3.95 -10.06
C8A COA B . 8.38 -3.16 -10.98
N9A COA B . 9.68 -3.38 -11.04
C1B COA B . 10.62 -2.71 -11.95
C2B COA B . 10.59 -3.38 -13.48
O2B COA B . 11.38 -4.63 -13.53
C3B COA B . 11.10 -2.49 -14.22
O3B COA B . 12.61 -2.56 -14.13
P3B COA B . 13.52 -2.37 -15.51
O7A COA B . 14.86 -2.99 -15.29
O8A COA B . 13.66 -0.89 -15.82
O9A COA B . 12.77 -3.06 -16.63
C4B COA B . 10.68 -1.11 -13.56
O4B COA B . 10.32 -1.47 -12.10
C5B COA B . 9.60 -0.53 -14.20
O5B COA B . 8.46 -1.32 -13.88
P1A COA B . 6.91 -0.85 -14.20
O1A COA B . 6.13 -0.87 -12.92
O2A COA B . 6.83 0.53 -14.83
O3A COA B . 6.29 -1.93 -15.23
P2A COA B . 6.02 -3.52 -14.86
O4A COA B . 5.79 -4.30 -16.15
O5A COA B . 7.20 -4.10 -14.10
O6A COA B . 4.65 -3.58 -13.97
CBP COA B . 2.67 -2.67 -13.06
CCP COA B . 3.68 -2.61 -14.25
CDP COA B . 2.23 -4.13 -12.89
CEP COA B . 1.44 -1.81 -13.41
CAP COA B . 3.38 -2.15 -11.77
OAP COA B . 3.92 -0.91 -12.04
C9P COA B . 2.31 -1.99 -10.68
O9P COA B . 1.97 -2.90 -9.99
N8P COA B . 1.70 -0.65 -10.50
C7P COA B . 0.65 -0.52 -9.50
C6P COA B . 1.11 -0.08 -8.10
C5P COA B . -0.16 -0.06 -7.23
O5P COA B . -0.80 0.94 -7.10
N4P COA B . -0.60 -1.36 -6.63
C3P COA B . -1.83 -1.42 -5.82
C2P COA B . -2.85 -2.26 -6.64
S1P COA B . -4.11 -2.94 -5.54
C1' WTA C . -3.12 8.94 -3.94
C1P WTA C . -1.61 3.92 -1.48
C2 WTA C . -6.83 9.50 -5.94
C2' WTA C . -3.18 10.20 -3.07
C2P WTA C . -2.99 3.49 -1.00
C3' WTA C . -2.63 9.72 -1.73
C4 WTA C . -5.41 8.40 -4.66
C4' WTA C . -1.50 8.80 -2.17
C5 WTA C . -6.30 7.37 -4.46
C5' WTA C . -1.34 7.61 -1.25
C6 WTA C . -7.54 7.48 -5.08
C8 WTA C . -4.55 6.86 -3.34
N1 WTA C . -7.77 8.57 -5.82
N3 WTA C . -5.62 9.48 -5.40
N6 WTA C . -8.50 6.53 -4.97
N7 WTA C . -5.72 6.42 -3.61
N9 WTA C . -4.29 8.09 -3.95
O1P WTA C . 0.80 6.16 0.62
O2' WTA C . -2.42 11.27 -3.62
O2P WTA C . 1.35 4.81 -1.64
O3' WTA C . -2.23 10.85 -0.96
O3P WTA C . -1.07 4.86 -0.53
O4' WTA C . -1.97 8.24 -3.45
O5' WTA C . -0.20 6.87 -1.64
P WTA C . 0.36 5.61 -0.77
C1 EDO D . -7.02 -2.02 33.71
O1 EDO D . -7.70 -3.00 32.91
C2 EDO D . -5.58 -1.92 33.25
O2 EDO D . -5.51 -1.79 31.82
C1 EDO E . -14.94 -11.47 12.40
O1 EDO E . -15.58 -11.22 11.13
C2 EDO E . -14.33 -12.86 12.41
O2 EDO E . -13.32 -12.92 11.39
C1 EDO F . 2.96 -24.33 3.17
O1 EDO F . 4.15 -23.91 2.48
C2 EDO F . 2.44 -25.62 2.56
O2 EDO F . 1.98 -25.35 1.23
C1 EDO G . -21.64 -2.00 13.69
O1 EDO G . -20.82 -2.98 14.35
C2 EDO G . -22.97 -2.59 13.24
O2 EDO G . -23.72 -3.03 14.37
C1 EDO H . 6.41 -17.01 21.39
O1 EDO H . 5.74 -17.68 22.45
C2 EDO H . 6.14 -15.52 21.50
O2 EDO H . 7.38 -14.81 21.58
C1 EDO I . 7.04 -19.87 -3.39
O1 EDO I . 6.59 -20.61 -2.25
C2 EDO I . 7.58 -20.79 -4.49
O2 EDO I . 8.50 -21.74 -3.93
C1 EDO J . -1.30 17.11 26.02
O1 EDO J . -2.66 17.12 25.55
C2 EDO J . -0.68 15.75 25.75
O2 EDO J . -0.49 15.56 24.34
C1 EDO K . 24.95 -21.68 -1.41
O1 EDO K . 24.43 -22.82 -0.72
C2 EDO K . 24.68 -21.84 -2.90
O2 EDO K . 23.56 -21.04 -3.27
C1 EDO L . 9.50 4.66 17.62
O1 EDO L . 9.64 5.81 16.77
C2 EDO L . 10.65 4.62 18.60
O2 EDO L . 11.88 4.31 17.94
#